data_9CGK
#
_entry.id   9CGK
#
_cell.length_a   1.00
_cell.length_b   1.00
_cell.length_c   1.00
_cell.angle_alpha   90.00
_cell.angle_beta   90.00
_cell.angle_gamma   90.00
#
_symmetry.space_group_name_H-M   'P 1'
#
loop_
_entity.id
_entity.type
_entity.pdbx_description
1 polymer 'Delta-type opioid receptor'
2 polymer 'ScFv16 protein'
3 polymer 'Guanine nucleotide-binding protein G(I)/G(S)/G(O) subunit gamma-2'
4 polymer 'Guanine nucleotide-binding protein G(I)/G(S)/G(T) subunit beta-1'
5 polymer 'Guanine nucleotide-binding protein G(i) subunit alpha-1'
6 non-polymer N-{5-[(4bS,8R,8aS,15bR)-1,8a-dihydroxy-5,6,8,8a,9,15b-hexahydro-7H-4,8-methano[1]benzofuro[3,2-c]pyrido[3,4-b]acridin-7-yl]pentyl}guanidine
#
loop_
_entity_poly.entity_id
_entity_poly.type
_entity_poly.pdbx_seq_one_letter_code
_entity_poly.pdbx_strand_id
1 'polypeptide(L)'
;GSPGARSASSLALAIAITALYSAVCAVGLLGNVLVMFGIVRYTKMKTATNIYIFNLALADALATSTLPFQSAKYLMETWP
FGELLCKAVLSIDYYNMFTSIFTLTMMSVDRYIAVCHPVKALDFRTPAKAKLINICIWVLASGVGVPIMVMAVTRPRDGA
VVCMLQFPSPSWYWDTVTKICVFLFAFVVPILIITVCYGLMLLRLRSVRLLSGSKEKDRSLRRITRMVLVVVGAFVVCWA
PIHIFVIVWTLVDIDRRDPLVVAALHLCIALGYANSSLNPVLYAFLDENFKRCFRQLCRKPCG
;
A
2 'polypeptide(L)'
;DVQLVESGGGLVQPGGSRKLSCSASGFAFSSFGMHWVRQAPEKGLEWVAYISSGSGTIYYADTVKGRFTISRDDPKNTLF
LQMTSLRSEDTAMYYCVRSIYYYGSSPFDFWGQGTTLTVSSGGGGSGGGGSGGGGSDIVMTQATSSVPVTPGESVSISCR
SSKSLLHSNGNTYLYWFLQRPGQSPQLLIYRMSNLASGVPDRFSGSGSGTAFTLTISRLEAEDVGVYYCMQHLEYPLTFG
AGTKLELKAAA
;
E
3 'polypeptide(L)' MASNNTASIAQARKLVEQLKMEANIDRIKVSKAAADLMAYCEAHAKEDPLLTPVPASENPFREKKFFCAIL D
4 'polypeptide(L)'
;GSELDQLRQEAEQLKNQIRDARKACADATLSQITNNIDPVGRIQMRTRRTLRGHLAKIYAMHWGTDSRLLVSASQDGKLI
IWDSYTTNKVHAIPLRSSWVMTCAYAPSGNYVACGGLDNICSIYNLKTREGNVRVSRELAGHTGYLSCCRFLDDNQIVTS
SGDTTCALWDIETGQQTTTFTGHTGDVMSLSLAPDTRLFVSGACDASAKLWDVREGMCRQTFTGHESDINAICFFPNGNA
FATGSDDATCRLFDLRADQELMTYSHDNIICGITSVSFSKSGRLLLAGYDDFNCNVWDALKADRAGVLAGHDNRVSCLGV
TDDGMAVATGSWDSFLKIWN
;
C
5 'polypeptide(L)'
;MGCTLSAEDKAAVERSKMIDRNLREDGEKAAREVKLLLLGAGESGKNTIVKQMKIIHEAGYSEEECKQYKAVVYSNTIQS
IIAIIRAMGRLKIDFGDSARADDARQLFVLAGAAEEGFMTAELAGVIKRLWKDSGVQACFNRSREYQLNDSAAYYLNDLD
RIAQPNYIPTQQDVLRTRVKTTGIVETHFTFKDLHFKMFDVGAQRSERKKWIHCFEGVTAIIFCVALSDYDLVLAEDEEM
NRMHASMKLFDSICNNKWFTDTSIILFLNKKDLFEEKIKKSPLTICYPEYAGSNTYEEAAAYIQCQFEDLNKRKDTKEIY
THFTCSTDTKNVQFVFDAVTDVIIKNNLKDCGLF
;
B
#
# COMPACT_ATOMS: atom_id res chain seq x y z
N SER A 10 -40.20 47.63 -21.61
CA SER A 10 -39.73 46.37 -21.04
C SER A 10 -38.22 46.22 -21.23
N LEU A 11 -37.57 47.30 -21.65
CA LEU A 11 -36.12 47.27 -21.85
C LEU A 11 -35.38 47.04 -20.54
N ALA A 12 -35.81 47.72 -19.47
CA ALA A 12 -35.20 47.53 -18.16
C ALA A 12 -35.41 46.11 -17.66
N LEU A 13 -36.61 45.56 -17.86
CA LEU A 13 -36.88 44.18 -17.45
C LEU A 13 -36.01 43.20 -18.23
N ALA A 14 -35.86 43.41 -19.54
CA ALA A 14 -35.00 42.54 -20.35
C ALA A 14 -33.55 42.63 -19.91
N ILE A 15 -33.09 43.85 -19.60
CA ILE A 15 -31.71 44.03 -19.14
C ILE A 15 -31.50 43.33 -17.80
N ALA A 16 -32.48 43.44 -16.89
CA ALA A 16 -32.36 42.77 -15.60
C ALA A 16 -32.35 41.25 -15.75
N ILE A 17 -33.20 40.71 -16.62
CA ILE A 17 -33.23 39.28 -16.85
C ILE A 17 -31.92 38.79 -17.46
N THR A 18 -31.39 39.54 -18.43
CA THR A 18 -30.11 39.15 -19.04
C THR A 18 -28.98 39.23 -18.03
N ALA A 19 -28.98 40.26 -17.17
CA ALA A 19 -27.94 40.38 -16.15
C ALA A 19 -28.03 39.24 -15.14
N LEU A 20 -29.25 38.86 -14.75
CA LEU A 20 -29.42 37.73 -13.84
C LEU A 20 -28.93 36.44 -14.47
N TYR A 21 -29.25 36.22 -15.75
CA TYR A 21 -28.79 35.03 -16.45
C TYR A 21 -27.27 34.98 -16.52
N SER A 22 -26.65 36.11 -16.86
CA SER A 22 -25.20 36.16 -16.96
C SER A 22 -24.53 35.94 -15.62
N ALA A 23 -25.06 36.55 -14.56
CA ALA A 23 -24.49 36.37 -13.22
C ALA A 23 -24.63 34.93 -12.76
N VAL A 24 -25.80 34.32 -12.99
CA VAL A 24 -26.01 32.93 -12.58
C VAL A 24 -25.07 32.00 -13.34
N CYS A 25 -24.94 32.21 -14.66
CA CYS A 25 -24.05 31.36 -15.45
C CYS A 25 -22.59 31.51 -15.03
N ALA A 26 -22.14 32.74 -14.79
CA ALA A 26 -20.76 32.97 -14.38
C ALA A 26 -20.50 32.36 -13.01
N VAL A 27 -21.43 32.52 -12.07
CA VAL A 27 -21.26 31.96 -10.73
C VAL A 27 -21.21 30.44 -10.79
N GLY A 28 -22.11 29.83 -11.57
CA GLY A 28 -22.10 28.39 -11.72
C GLY A 28 -20.82 27.86 -12.35
N LEU A 29 -20.34 28.53 -13.40
CA LEU A 29 -19.11 28.11 -14.05
C LEU A 29 -17.91 28.23 -13.11
N LEU A 30 -17.82 29.35 -12.38
CA LEU A 30 -16.72 29.53 -11.45
C LEU A 30 -16.76 28.51 -10.33
N GLY A 31 -17.95 28.23 -9.78
CA GLY A 31 -18.08 27.25 -8.73
C GLY A 31 -17.72 25.85 -9.20
N ASN A 32 -18.18 25.47 -10.40
CA ASN A 32 -17.86 24.16 -10.94
C ASN A 32 -16.36 24.03 -11.20
N VAL A 33 -15.73 25.10 -11.71
CA VAL A 33 -14.29 25.06 -11.94
C VAL A 33 -13.53 24.90 -10.64
N LEU A 34 -13.95 25.62 -9.60
CA LEU A 34 -13.31 25.49 -8.29
C LEU A 34 -13.49 24.10 -7.72
N VAL A 35 -14.69 23.51 -7.89
CA VAL A 35 -14.95 22.18 -7.38
C VAL A 35 -14.06 21.15 -8.07
N MET A 36 -13.96 21.24 -9.41
CA MET A 36 -13.12 20.30 -10.14
C MET A 36 -11.65 20.49 -9.79
N PHE A 37 -11.20 21.74 -9.60
CA PHE A 37 -9.81 21.98 -9.20
C PHE A 37 -9.52 21.37 -7.84
N GLY A 38 -10.44 21.53 -6.88
CA GLY A 38 -10.25 20.93 -5.58
C GLY A 38 -10.26 19.41 -5.62
N ILE A 39 -11.15 18.83 -6.45
CA ILE A 39 -11.22 17.38 -6.56
C ILE A 39 -9.94 16.83 -7.18
N VAL A 40 -9.40 17.50 -8.19
CA VAL A 40 -8.13 17.09 -8.79
C VAL A 40 -7.00 17.23 -7.78
N ARG A 41 -6.99 18.33 -7.01
CA ARG A 41 -5.85 18.63 -6.15
C ARG A 41 -5.82 17.74 -4.92
N TYR A 42 -6.84 17.83 -4.06
CA TYR A 42 -6.76 17.17 -2.76
C TYR A 42 -8.06 16.48 -2.35
N THR A 43 -8.99 16.28 -3.27
CA THR A 43 -10.26 15.62 -2.99
C THR A 43 -10.49 14.48 -3.96
N LYS A 44 -9.48 13.61 -4.08
CA LYS A 44 -9.47 12.53 -5.07
C LYS A 44 -10.62 11.55 -4.82
N MET A 45 -11.11 10.97 -5.91
CA MET A 45 -12.31 10.12 -5.88
C MET A 45 -11.99 8.73 -5.33
N LYS A 46 -11.59 8.70 -4.05
CA LYS A 46 -11.43 7.46 -3.31
C LYS A 46 -12.64 7.16 -2.43
N THR A 47 -13.67 7.99 -2.48
CA THR A 47 -14.83 7.85 -1.62
C THR A 47 -16.09 8.09 -2.45
N ALA A 48 -17.15 7.37 -2.10
CA ALA A 48 -18.39 7.41 -2.88
C ALA A 48 -18.98 8.81 -2.93
N THR A 49 -18.95 9.53 -1.81
CA THR A 49 -19.49 10.88 -1.82
C THR A 49 -18.63 11.82 -2.66
N ASN A 50 -17.32 11.58 -2.74
CA ASN A 50 -16.47 12.36 -3.64
C ASN A 50 -16.83 12.09 -5.09
N ILE A 51 -17.10 10.83 -5.42
CA ILE A 51 -17.55 10.48 -6.77
C ILE A 51 -18.87 11.18 -7.10
N TYR A 52 -19.80 11.17 -6.14
CA TYR A 52 -21.09 11.82 -6.36
C TYR A 52 -20.96 13.33 -6.50
N ILE A 53 -20.05 13.94 -5.73
CA ILE A 53 -19.79 15.37 -5.84
C ILE A 53 -19.24 15.69 -7.22
N PHE A 54 -18.30 14.89 -7.70
CA PHE A 54 -17.74 15.11 -9.04
C PHE A 54 -18.79 14.95 -10.12
N ASN A 55 -19.66 13.95 -9.99
CA ASN A 55 -20.72 13.73 -10.97
C ASN A 55 -21.71 14.90 -10.97
N LEU A 56 -22.07 15.39 -9.79
CA LEU A 56 -22.97 16.53 -9.71
C LEU A 56 -22.32 17.79 -10.29
N ALA A 57 -21.02 17.95 -10.09
CA ALA A 57 -20.30 19.07 -10.70
C ALA A 57 -20.32 18.98 -12.22
N LEU A 58 -20.12 17.77 -12.76
CA LEU A 58 -20.20 17.56 -14.20
C LEU A 58 -21.57 17.92 -14.75
N ALA A 59 -22.63 17.41 -14.09
CA ALA A 59 -23.98 17.70 -14.55
C ALA A 59 -24.31 19.18 -14.45
N ASP A 60 -23.89 19.83 -13.36
CA ASP A 60 -24.14 21.26 -13.19
C ASP A 60 -23.41 22.09 -14.24
N ALA A 61 -22.15 21.75 -14.53
CA ALA A 61 -21.40 22.51 -15.52
C ALA A 61 -21.97 22.33 -16.92
N LEU A 62 -22.30 21.08 -17.29
CA LEU A 62 -22.86 20.85 -18.62
C LEU A 62 -24.24 21.47 -18.76
N ALA A 63 -24.99 21.58 -17.66
CA ALA A 63 -26.24 22.34 -17.70
C ALA A 63 -25.98 23.84 -17.80
N THR A 64 -24.92 24.34 -17.15
CA THR A 64 -24.65 25.76 -17.15
C THR A 64 -24.12 26.24 -18.50
N SER A 65 -23.57 25.33 -19.29
CA SER A 65 -23.09 25.70 -20.63
C SER A 65 -24.24 26.01 -21.58
N THR A 66 -25.47 25.75 -21.16
CA THR A 66 -26.66 25.83 -22.01
C THR A 66 -27.42 27.15 -21.84
N LEU A 67 -27.41 27.74 -20.65
CA LEU A 67 -28.18 28.93 -20.29
C LEU A 67 -28.03 30.14 -21.24
N PRO A 68 -26.82 30.50 -21.70
CA PRO A 68 -26.73 31.62 -22.64
C PRO A 68 -27.48 31.42 -23.95
N PHE A 69 -27.69 30.17 -24.39
CA PHE A 69 -28.48 29.94 -25.59
C PHE A 69 -29.92 30.41 -25.42
N GLN A 70 -30.55 30.02 -24.30
CA GLN A 70 -31.90 30.51 -24.04
C GLN A 70 -31.91 31.99 -23.69
N SER A 71 -30.82 32.50 -23.13
CA SER A 71 -30.72 33.94 -22.87
C SER A 71 -30.76 34.72 -24.19
N ALA A 72 -29.98 34.28 -25.17
CA ALA A 72 -30.02 34.90 -26.49
C ALA A 72 -31.35 34.66 -27.18
N LYS A 73 -31.99 33.51 -26.93
CA LYS A 73 -33.30 33.25 -27.49
C LYS A 73 -34.32 34.26 -26.97
N TYR A 74 -34.30 34.53 -25.67
CA TYR A 74 -35.22 35.52 -25.10
C TYR A 74 -34.85 36.93 -25.57
N LEU A 75 -33.56 37.22 -25.72
CA LEU A 75 -33.15 38.56 -26.14
C LEU A 75 -33.48 38.84 -27.60
N MET A 76 -33.51 37.81 -28.44
CA MET A 76 -33.72 38.00 -29.88
C MET A 76 -35.13 37.64 -30.34
N GLU A 77 -35.91 36.93 -29.52
CA GLU A 77 -37.27 36.50 -29.86
C GLU A 77 -37.32 35.69 -31.15
N THR A 78 -36.27 34.92 -31.42
CA THR A 78 -36.17 34.15 -32.65
C THR A 78 -35.24 32.97 -32.41
N TRP A 79 -35.28 32.01 -33.34
CA TRP A 79 -34.52 30.77 -33.23
C TRP A 79 -33.61 30.64 -34.44
N PRO A 80 -32.39 31.17 -34.39
CA PRO A 80 -31.45 31.00 -35.50
C PRO A 80 -30.66 29.71 -35.39
N PHE A 81 -31.14 28.78 -34.57
CA PHE A 81 -30.40 27.58 -34.21
C PHE A 81 -30.89 26.33 -34.93
N GLY A 82 -31.93 26.45 -35.75
CA GLY A 82 -32.43 25.35 -36.55
C GLY A 82 -33.01 24.20 -35.76
N GLU A 83 -33.62 23.25 -36.48
CA GLU A 83 -34.10 22.03 -35.82
C GLU A 83 -32.95 21.27 -35.18
N LEU A 84 -31.75 21.37 -35.76
CA LEU A 84 -30.58 20.70 -35.20
C LEU A 84 -30.28 21.19 -33.77
N LEU A 85 -29.99 22.48 -33.60
CA LEU A 85 -29.64 22.88 -32.25
C LEU A 85 -30.87 23.00 -31.37
N CYS A 86 -32.08 23.08 -31.94
CA CYS A 86 -33.29 22.99 -31.14
C CYS A 86 -33.39 21.64 -30.44
N LYS A 87 -33.27 20.56 -31.21
CA LYS A 87 -33.28 19.22 -30.62
C LYS A 87 -32.11 19.04 -29.66
N ALA A 88 -30.94 19.60 -30.02
CA ALA A 88 -29.77 19.50 -29.16
C ALA A 88 -30.02 20.14 -27.80
N VAL A 89 -30.52 21.38 -27.79
CA VAL A 89 -30.70 22.11 -26.53
C VAL A 89 -31.83 21.47 -25.71
N LEU A 90 -32.89 20.98 -26.37
CA LEU A 90 -33.96 20.35 -25.61
C LEU A 90 -33.50 19.05 -24.97
N SER A 91 -32.78 18.22 -25.71
CA SER A 91 -32.27 16.97 -25.14
C SER A 91 -31.26 17.24 -24.04
N ILE A 92 -30.41 18.25 -24.21
CA ILE A 92 -29.43 18.58 -23.18
C ILE A 92 -30.13 19.05 -21.91
N ASP A 93 -31.18 19.86 -22.05
CA ASP A 93 -31.91 20.34 -20.88
C ASP A 93 -32.56 19.18 -20.13
N TYR A 94 -33.27 18.30 -20.85
CA TYR A 94 -33.91 17.17 -20.18
C TYR A 94 -32.89 16.24 -19.55
N TYR A 95 -31.79 15.97 -20.26
CA TYR A 95 -30.75 15.08 -19.76
C TYR A 95 -30.12 15.62 -18.48
N ASN A 96 -29.78 16.91 -18.48
CA ASN A 96 -29.17 17.51 -17.30
C ASN A 96 -30.13 17.55 -16.13
N MET A 97 -31.40 17.87 -16.39
CA MET A 97 -32.40 17.87 -15.33
C MET A 97 -32.49 16.50 -14.66
N PHE A 98 -32.67 15.45 -15.46
CA PHE A 98 -32.85 14.11 -14.89
C PHE A 98 -31.58 13.63 -14.20
N THR A 99 -30.41 13.88 -14.78
CA THR A 99 -29.17 13.39 -14.18
C THR A 99 -28.86 14.10 -12.86
N SER A 100 -29.05 15.42 -12.81
CA SER A 100 -28.79 16.15 -11.56
C SER A 100 -29.76 15.71 -10.45
N ILE A 101 -31.05 15.56 -10.81
CA ILE A 101 -32.03 15.14 -9.83
C ILE A 101 -31.71 13.75 -9.29
N PHE A 102 -31.35 12.82 -10.18
CA PHE A 102 -31.05 11.46 -9.75
C PHE A 102 -29.76 11.40 -8.94
N THR A 103 -28.77 12.24 -9.27
CA THR A 103 -27.55 12.26 -8.47
C THR A 103 -27.81 12.76 -7.06
N LEU A 104 -28.65 13.80 -6.91
CA LEU A 104 -29.01 14.26 -5.58
C LEU A 104 -29.78 13.18 -4.81
N THR A 105 -30.70 12.48 -5.48
CA THR A 105 -31.45 11.41 -4.83
C THR A 105 -30.52 10.29 -4.37
N MET A 106 -29.54 9.93 -5.20
CA MET A 106 -28.62 8.88 -4.82
C MET A 106 -27.69 9.32 -3.70
N MET A 107 -27.34 10.61 -3.64
CA MET A 107 -26.60 11.12 -2.50
C MET A 107 -27.39 10.96 -1.21
N SER A 108 -28.69 11.27 -1.26
CA SER A 108 -29.54 11.09 -0.08
C SER A 108 -29.60 9.63 0.35
N VAL A 109 -29.78 8.73 -0.62
CA VAL A 109 -29.87 7.30 -0.30
C VAL A 109 -28.54 6.80 0.25
N ASP A 110 -27.42 7.27 -0.30
CA ASP A 110 -26.11 6.85 0.15
C ASP A 110 -25.85 7.29 1.59
N ARG A 111 -26.22 8.52 1.92
CA ARG A 111 -26.06 8.99 3.31
C ARG A 111 -26.97 8.22 4.26
N TYR A 112 -28.20 7.94 3.84
CA TYR A 112 -29.11 7.16 4.68
C TYR A 112 -28.58 5.76 4.94
N ILE A 113 -28.00 5.13 3.91
CA ILE A 113 -27.41 3.81 4.10
C ILE A 113 -26.18 3.89 4.99
N ALA A 114 -25.40 4.96 4.85
CA ALA A 114 -24.19 5.13 5.66
C ALA A 114 -24.52 5.25 7.15
N VAL A 115 -25.57 5.98 7.49
CA VAL A 115 -25.89 6.22 8.89
C VAL A 115 -26.78 5.12 9.46
N CYS A 116 -27.84 4.75 8.75
CA CYS A 116 -28.85 3.86 9.34
C CYS A 116 -28.49 2.38 9.22
N HIS A 117 -27.73 2.00 8.20
CA HIS A 117 -27.32 0.60 8.01
C HIS A 117 -25.81 0.55 7.81
N PRO A 118 -25.04 0.69 8.89
CA PRO A 118 -23.58 0.80 8.75
C PRO A 118 -22.90 -0.53 8.44
N VAL A 119 -23.41 -1.62 9.01
CA VAL A 119 -22.79 -2.93 8.80
C VAL A 119 -22.90 -3.35 7.35
N LYS A 120 -24.08 -3.19 6.75
CA LYS A 120 -24.23 -3.47 5.32
C LYS A 120 -23.63 -2.38 4.46
N ALA A 121 -23.56 -1.15 4.97
CA ALA A 121 -22.91 -0.07 4.23
C ALA A 121 -21.43 -0.31 4.08
N LEU A 122 -20.83 -1.06 5.00
CA LEU A 122 -19.41 -1.41 4.88
C LEU A 122 -19.12 -2.14 3.57
N ASP A 123 -20.07 -2.93 3.07
CA ASP A 123 -19.92 -3.60 1.78
C ASP A 123 -20.56 -2.86 0.63
N PHE A 124 -21.70 -2.19 0.87
CA PHE A 124 -22.40 -1.52 -0.22
C PHE A 124 -21.70 -0.24 -0.66
N ARG A 125 -21.20 0.54 0.28
CA ARG A 125 -20.60 1.83 -0.03
C ARG A 125 -19.15 1.62 -0.42
N THR A 126 -18.94 1.36 -1.70
CA THR A 126 -17.62 1.17 -2.29
C THR A 126 -17.48 2.08 -3.50
N PRO A 127 -16.25 2.52 -3.81
CA PRO A 127 -16.06 3.33 -5.03
C PRO A 127 -16.49 2.62 -6.31
N ALA A 128 -16.30 1.30 -6.39
CA ALA A 128 -16.71 0.58 -7.59
C ALA A 128 -18.22 0.60 -7.76
N LYS A 129 -18.95 0.32 -6.69
CA LYS A 129 -20.41 0.37 -6.76
C LYS A 129 -20.91 1.79 -7.00
N ALA A 130 -20.22 2.79 -6.43
CA ALA A 130 -20.60 4.17 -6.68
C ALA A 130 -20.42 4.55 -8.14
N LYS A 131 -19.30 4.13 -8.75
CA LYS A 131 -19.07 4.39 -10.16
C LYS A 131 -20.10 3.68 -11.03
N LEU A 132 -20.43 2.44 -10.68
CA LEU A 132 -21.45 1.70 -11.43
C LEU A 132 -22.81 2.39 -11.35
N ILE A 133 -23.17 2.88 -10.16
CA ILE A 133 -24.46 3.54 -9.98
C ILE A 133 -24.48 4.87 -10.74
N ASN A 134 -23.37 5.61 -10.71
CA ASN A 134 -23.29 6.86 -11.46
C ASN A 134 -23.40 6.61 -12.95
N ILE A 135 -22.77 5.55 -13.46
CA ILE A 135 -22.86 5.21 -14.88
C ILE A 135 -24.29 4.83 -15.24
N CYS A 136 -24.96 4.05 -14.38
CA CYS A 136 -26.35 3.69 -14.63
C CYS A 136 -27.26 4.91 -14.62
N ILE A 137 -26.98 5.87 -13.74
CA ILE A 137 -27.77 7.10 -13.69
C ILE A 137 -27.57 7.91 -14.97
N TRP A 138 -26.33 8.03 -15.45
CA TRP A 138 -26.07 8.74 -16.69
C TRP A 138 -26.73 8.05 -17.88
N VAL A 139 -26.72 6.72 -17.90
CA VAL A 139 -27.28 5.96 -19.01
C VAL A 139 -28.80 6.05 -19.02
N LEU A 140 -29.43 5.96 -17.84
CA LEU A 140 -30.88 5.85 -17.78
C LEU A 140 -31.57 7.10 -18.29
N ALA A 141 -31.01 8.28 -17.99
CA ALA A 141 -31.61 9.52 -18.47
C ALA A 141 -31.44 9.69 -19.98
N SER A 142 -30.48 9.00 -20.59
CA SER A 142 -30.35 9.04 -22.04
C SER A 142 -31.53 8.34 -22.71
N GLY A 143 -32.11 7.34 -22.06
CA GLY A 143 -33.32 6.72 -22.57
C GLY A 143 -34.52 7.64 -22.59
N VAL A 144 -34.50 8.68 -21.77
CA VAL A 144 -35.56 9.69 -21.81
C VAL A 144 -35.16 10.85 -22.72
N GLY A 145 -33.87 11.11 -22.88
CA GLY A 145 -33.43 12.17 -23.79
C GLY A 145 -33.45 11.80 -25.26
N VAL A 146 -33.40 10.50 -25.57
CA VAL A 146 -33.44 10.08 -26.98
C VAL A 146 -34.77 10.44 -27.65
N PRO A 147 -35.94 10.22 -27.04
CA PRO A 147 -37.16 10.80 -27.64
C PRO A 147 -37.12 12.31 -27.75
N ILE A 148 -36.41 13.00 -26.86
CA ILE A 148 -36.22 14.44 -27.04
C ILE A 148 -35.29 14.73 -28.21
N MET A 149 -34.32 13.85 -28.47
CA MET A 149 -33.52 13.96 -29.68
C MET A 149 -34.37 13.80 -30.92
N VAL A 150 -35.33 12.86 -30.90
CA VAL A 150 -36.08 12.53 -32.10
C VAL A 150 -37.21 13.51 -32.34
N MET A 151 -38.16 13.58 -31.41
CA MET A 151 -39.41 14.31 -31.63
C MET A 151 -39.28 15.77 -31.17
N ALA A 152 -38.32 16.47 -31.78
CA ALA A 152 -38.13 17.90 -31.48
C ALA A 152 -37.62 18.57 -32.74
N VAL A 153 -38.54 19.15 -33.51
CA VAL A 153 -38.22 19.85 -34.76
C VAL A 153 -38.90 21.21 -34.74
N THR A 154 -38.15 22.26 -35.08
CA THR A 154 -38.65 23.61 -34.97
C THR A 154 -39.64 23.93 -36.10
N ARG A 155 -40.39 25.01 -35.90
CA ARG A 155 -41.37 25.50 -36.85
C ARG A 155 -41.28 27.00 -37.00
N PRO A 156 -41.52 27.52 -38.20
CA PRO A 156 -41.64 28.98 -38.38
C PRO A 156 -43.09 29.45 -38.22
N ARG A 157 -43.67 29.17 -37.06
CA ARG A 157 -45.07 29.46 -36.80
C ARG A 157 -45.21 30.53 -35.72
N ASP A 158 -46.42 31.10 -35.64
CA ASP A 158 -46.77 32.13 -34.68
C ASP A 158 -45.88 33.36 -34.82
N GLY A 159 -45.52 33.70 -36.05
CA GLY A 159 -44.79 34.91 -36.34
C GLY A 159 -43.29 34.85 -36.11
N ALA A 160 -42.76 33.71 -35.65
CA ALA A 160 -41.33 33.57 -35.39
C ALA A 160 -40.96 32.10 -35.55
N VAL A 161 -39.77 31.74 -35.07
CA VAL A 161 -39.30 30.36 -35.09
C VAL A 161 -39.30 29.85 -33.66
N VAL A 162 -40.09 28.80 -33.40
CA VAL A 162 -40.26 28.26 -32.07
C VAL A 162 -40.12 26.75 -32.12
N CYS A 163 -39.87 26.16 -30.95
CA CYS A 163 -39.73 24.72 -30.80
C CYS A 163 -40.93 24.15 -30.06
N MET A 164 -41.38 22.98 -30.49
CA MET A 164 -42.53 22.34 -29.87
C MET A 164 -42.45 20.85 -30.18
N LEU A 165 -42.64 20.03 -29.14
CA LEU A 165 -42.61 18.58 -29.33
C LEU A 165 -43.81 18.13 -30.16
N GLN A 166 -43.55 17.27 -31.13
CA GLN A 166 -44.58 16.79 -32.05
C GLN A 166 -45.11 15.44 -31.57
N PHE A 167 -46.43 15.32 -31.50
CA PHE A 167 -47.08 14.11 -31.05
C PHE A 167 -48.23 13.75 -31.98
N PRO A 168 -48.54 12.46 -32.11
CA PRO A 168 -49.72 12.07 -32.88
C PRO A 168 -51.01 12.37 -32.11
N SER A 169 -52.12 12.17 -32.81
CA SER A 169 -53.43 12.39 -32.18
C SER A 169 -53.68 11.35 -31.10
N PRO A 170 -54.10 11.76 -29.89
CA PRO A 170 -54.36 13.14 -29.46
C PRO A 170 -53.10 13.83 -28.96
N SER A 171 -52.70 14.92 -29.63
CA SER A 171 -51.48 15.62 -29.27
C SER A 171 -51.59 16.27 -27.90
N TRP A 172 -52.76 16.83 -27.57
CA TRP A 172 -52.95 17.42 -26.24
C TRP A 172 -52.84 16.36 -25.15
N TYR A 173 -53.45 15.19 -25.38
CA TYR A 173 -53.35 14.09 -24.43
C TYR A 173 -51.90 13.65 -24.26
N TRP A 174 -51.16 13.54 -25.37
CA TRP A 174 -49.77 13.10 -25.29
C TRP A 174 -48.89 14.10 -24.55
N ASP A 175 -49.06 15.40 -24.82
CA ASP A 175 -48.21 16.38 -24.16
C ASP A 175 -48.56 16.50 -22.68
N THR A 176 -49.85 16.40 -22.33
CA THR A 176 -50.22 16.36 -20.93
C THR A 176 -49.64 15.12 -20.25
N VAL A 177 -49.60 13.99 -20.96
CA VAL A 177 -49.07 12.76 -20.38
C VAL A 177 -47.58 12.90 -20.09
N THR A 178 -46.82 13.45 -21.05
CA THR A 178 -45.38 13.55 -20.80
C THR A 178 -45.07 14.61 -19.75
N LYS A 179 -45.85 15.71 -19.69
CA LYS A 179 -45.65 16.68 -18.63
C LYS A 179 -45.96 16.08 -17.25
N ILE A 180 -47.05 15.30 -17.15
CA ILE A 180 -47.40 14.67 -15.89
C ILE A 180 -46.33 13.67 -15.47
N CYS A 181 -45.83 12.87 -16.43
CA CYS A 181 -44.78 11.91 -16.12
C CYS A 181 -43.49 12.59 -15.68
N VAL A 182 -43.12 13.70 -16.34
CA VAL A 182 -41.92 14.42 -15.96
C VAL A 182 -42.06 15.01 -14.56
N PHE A 183 -43.21 15.59 -14.25
CA PHE A 183 -43.43 16.14 -12.91
C PHE A 183 -43.42 15.05 -11.85
N LEU A 184 -43.99 13.88 -12.16
CA LEU A 184 -44.07 12.82 -11.15
C LEU A 184 -42.72 12.15 -10.92
N PHE A 185 -41.96 11.91 -12.00
CA PHE A 185 -40.70 11.17 -11.90
C PHE A 185 -39.48 12.06 -11.93
N ALA A 186 -39.65 13.38 -11.77
CA ALA A 186 -38.50 14.27 -11.71
C ALA A 186 -38.53 15.11 -10.45
N PHE A 187 -39.72 15.37 -9.90
CA PHE A 187 -39.86 16.20 -8.73
C PHE A 187 -40.40 15.45 -7.52
N VAL A 188 -41.59 14.85 -7.64
CA VAL A 188 -42.32 14.41 -6.44
C VAL A 188 -41.66 13.17 -5.83
N VAL A 189 -41.41 12.15 -6.64
CA VAL A 189 -40.73 10.95 -6.14
C VAL A 189 -39.32 11.27 -5.63
N PRO A 190 -38.47 12.03 -6.35
CA PRO A 190 -37.16 12.37 -5.76
C PRO A 190 -37.24 13.16 -4.47
N ILE A 191 -38.18 14.12 -4.36
CA ILE A 191 -38.24 14.90 -3.13
C ILE A 191 -38.76 14.04 -1.98
N LEU A 192 -39.68 13.12 -2.27
CA LEU A 192 -40.17 12.22 -1.24
C LEU A 192 -39.06 11.31 -0.73
N ILE A 193 -38.25 10.76 -1.64
CA ILE A 193 -37.15 9.90 -1.24
C ILE A 193 -36.12 10.70 -0.44
N ILE A 194 -35.79 11.91 -0.89
CA ILE A 194 -34.78 12.72 -0.21
C ILE A 194 -35.23 13.06 1.21
N THR A 195 -36.49 13.50 1.37
CA THR A 195 -36.98 13.88 2.69
C THR A 195 -37.10 12.66 3.60
N VAL A 196 -37.57 11.53 3.07
CA VAL A 196 -37.71 10.32 3.90
C VAL A 196 -36.34 9.85 4.38
N CYS A 197 -35.36 9.79 3.46
CA CYS A 197 -34.04 9.32 3.80
C CYS A 197 -33.36 10.25 4.80
N TYR A 198 -33.44 11.55 4.59
CA TYR A 198 -32.80 12.49 5.49
C TYR A 198 -33.49 12.54 6.85
N GLY A 199 -34.82 12.35 6.89
CA GLY A 199 -35.51 12.28 8.16
C GLY A 199 -35.13 11.06 8.97
N LEU A 200 -35.06 9.90 8.31
CA LEU A 200 -34.61 8.69 9.01
C LEU A 200 -33.17 8.83 9.48
N MET A 201 -32.32 9.45 8.66
CA MET A 201 -30.94 9.72 9.05
C MET A 201 -30.88 10.63 10.27
N LEU A 202 -31.73 11.66 10.31
CA LEU A 202 -31.76 12.57 11.44
C LEU A 202 -32.27 11.88 12.71
N LEU A 203 -33.24 10.98 12.57
CA LEU A 203 -33.69 10.21 13.73
C LEU A 203 -32.58 9.33 14.28
N ARG A 204 -31.85 8.65 13.40
CA ARG A 204 -30.73 7.82 13.85
C ARG A 204 -29.64 8.68 14.49
N LEU A 205 -29.42 9.88 13.95
CA LEU A 205 -28.39 10.76 14.51
C LEU A 205 -28.81 11.33 15.86
N ARG A 206 -30.12 11.52 16.07
CA ARG A 206 -30.61 11.82 17.41
C ARG A 206 -30.36 10.67 18.36
N SER A 207 -30.59 9.43 17.90
CA SER A 207 -30.40 8.26 18.76
C SER A 207 -28.94 8.03 19.14
N VAL A 208 -28.01 8.19 18.20
CA VAL A 208 -26.60 7.90 18.46
C VAL A 208 -25.99 8.95 19.37
N ARG A 209 -24.77 8.68 19.84
CA ARG A 209 -24.08 9.54 20.81
C ARG A 209 -23.50 10.79 20.14
N LEU A 210 -24.41 11.63 19.65
CA LEU A 210 -24.07 12.96 19.16
C LEU A 210 -24.77 14.08 19.91
N LEU A 211 -25.84 13.78 20.64
CA LEU A 211 -26.54 14.76 21.46
C LEU A 211 -26.54 14.23 22.90
N SER A 212 -25.46 14.51 23.63
CA SER A 212 -25.34 14.14 25.02
C SER A 212 -24.90 15.27 25.92
N GLY A 213 -24.35 16.36 25.38
CA GLY A 213 -23.91 17.47 26.18
C GLY A 213 -23.68 18.69 25.31
N SER A 214 -23.50 19.82 25.98
CA SER A 214 -23.27 21.08 25.29
C SER A 214 -21.92 21.05 24.56
N LYS A 215 -21.80 21.90 23.55
CA LYS A 215 -20.66 21.99 22.63
C LYS A 215 -20.46 20.72 21.82
N GLU A 216 -21.40 19.78 21.89
CA GLU A 216 -21.43 18.59 21.04
C GLU A 216 -22.67 18.56 20.17
N LYS A 217 -23.86 18.67 20.78
CA LYS A 217 -25.09 18.71 19.99
C LYS A 217 -25.15 19.95 19.13
N ASP A 218 -24.94 21.13 19.73
CA ASP A 218 -24.96 22.38 18.99
C ASP A 218 -23.79 22.52 18.02
N ARG A 219 -22.77 21.67 18.12
CA ARG A 219 -21.63 21.71 17.22
C ARG A 219 -21.73 20.73 16.07
N SER A 220 -22.44 19.60 16.25
CA SER A 220 -22.57 18.61 15.20
C SER A 220 -24.00 18.44 14.72
N LEU A 221 -24.94 18.18 15.62
CA LEU A 221 -26.29 17.83 15.20
C LEU A 221 -27.02 19.04 14.62
N ARG A 222 -26.83 20.21 15.22
CA ARG A 222 -27.43 21.42 14.69
C ARG A 222 -26.87 21.78 13.32
N ARG A 223 -25.56 21.60 13.14
CA ARG A 223 -24.96 21.83 11.82
C ARG A 223 -25.50 20.84 10.78
N ILE A 224 -25.65 19.57 11.17
CA ILE A 224 -26.17 18.57 10.25
C ILE A 224 -27.60 18.89 9.85
N THR A 225 -28.43 19.26 10.84
CA THR A 225 -29.81 19.63 10.56
C THR A 225 -29.87 20.86 9.66
N ARG A 226 -29.04 21.86 9.93
CA ARG A 226 -29.02 23.05 9.09
C ARG A 226 -28.63 22.70 7.66
N MET A 227 -27.67 21.81 7.49
CA MET A 227 -27.26 21.39 6.14
C MET A 227 -28.40 20.68 5.41
N VAL A 228 -29.11 19.78 6.08
CA VAL A 228 -30.14 19.03 5.38
C VAL A 228 -31.33 19.93 5.03
N LEU A 229 -31.70 20.87 5.92
CA LEU A 229 -32.77 21.79 5.55
C LEU A 229 -32.32 22.76 4.47
N VAL A 230 -31.04 23.13 4.44
CA VAL A 230 -30.54 23.97 3.35
C VAL A 230 -30.66 23.25 2.01
N VAL A 231 -30.27 21.97 1.97
CA VAL A 231 -30.32 21.21 0.73
C VAL A 231 -31.77 21.05 0.25
N VAL A 232 -32.66 20.62 1.15
CA VAL A 232 -34.05 20.39 0.76
C VAL A 232 -34.73 21.70 0.37
N GLY A 233 -34.47 22.78 1.12
CA GLY A 233 -35.07 24.06 0.80
C GLY A 233 -34.56 24.63 -0.51
N ALA A 234 -33.27 24.43 -0.81
CA ALA A 234 -32.74 24.86 -2.11
C ALA A 234 -33.41 24.10 -3.23
N PHE A 235 -33.60 22.79 -3.06
CA PHE A 235 -34.31 21.99 -4.05
C PHE A 235 -35.73 22.51 -4.27
N VAL A 236 -36.45 22.78 -3.16
CA VAL A 236 -37.83 23.25 -3.27
C VAL A 236 -37.88 24.61 -3.98
N VAL A 237 -37.09 25.57 -3.50
CA VAL A 237 -37.18 26.94 -3.99
C VAL A 237 -36.56 27.10 -5.37
N CYS A 238 -35.81 26.10 -5.84
CA CYS A 238 -35.21 26.18 -7.16
C CYS A 238 -35.77 25.16 -8.14
N TRP A 239 -36.78 24.36 -7.74
CA TRP A 239 -37.44 23.50 -8.71
C TRP A 239 -38.96 23.48 -8.61
N ALA A 240 -39.56 24.20 -7.67
CA ALA A 240 -41.02 24.24 -7.61
C ALA A 240 -41.67 25.22 -8.59
N PRO A 241 -41.18 26.48 -8.74
CA PRO A 241 -41.90 27.40 -9.63
C PRO A 241 -42.00 26.96 -11.08
N ILE A 242 -40.95 26.34 -11.64
CA ILE A 242 -41.02 25.91 -13.03
C ILE A 242 -42.06 24.82 -13.20
N HIS A 243 -42.09 23.85 -12.29
CA HIS A 243 -43.03 22.74 -12.42
C HIS A 243 -44.47 23.20 -12.23
N ILE A 244 -44.72 24.07 -11.25
CA ILE A 244 -46.08 24.57 -11.09
C ILE A 244 -46.47 25.46 -12.25
N PHE A 245 -45.51 26.17 -12.86
CA PHE A 245 -45.84 27.03 -13.99
C PHE A 245 -46.17 26.22 -15.24
N VAL A 246 -45.40 25.16 -15.52
CA VAL A 246 -45.75 24.34 -16.67
C VAL A 246 -47.04 23.57 -16.40
N ILE A 247 -47.33 23.24 -15.14
CA ILE A 247 -48.59 22.59 -14.82
C ILE A 247 -49.77 23.53 -15.07
N VAL A 248 -49.65 24.80 -14.63
CA VAL A 248 -50.76 25.72 -14.87
C VAL A 248 -50.84 26.10 -16.35
N TRP A 249 -49.71 26.05 -17.07
CA TRP A 249 -49.74 26.26 -18.51
C TRP A 249 -50.51 25.15 -19.22
N THR A 250 -50.23 23.90 -18.89
CA THR A 250 -50.91 22.79 -19.52
C THR A 250 -52.31 22.56 -18.96
N LEU A 251 -52.67 23.20 -17.85
CA LEU A 251 -54.02 23.07 -17.30
C LEU A 251 -54.95 24.17 -17.80
N VAL A 252 -54.58 25.43 -17.58
CA VAL A 252 -55.45 26.55 -17.91
C VAL A 252 -54.85 27.31 -19.09
N ASP A 253 -55.71 28.06 -19.80
CA ASP A 253 -55.31 28.81 -20.99
C ASP A 253 -55.17 30.28 -20.61
N ILE A 254 -53.93 30.69 -20.35
CA ILE A 254 -53.60 32.08 -20.01
C ILE A 254 -52.77 32.64 -21.16
N ASP A 255 -52.89 33.96 -21.36
CA ASP A 255 -52.19 34.72 -22.39
C ASP A 255 -50.72 34.35 -22.53
N ARG A 256 -50.34 33.86 -23.70
CA ARG A 256 -48.97 33.41 -23.96
C ARG A 256 -48.05 34.52 -24.43
N ARG A 257 -48.58 35.74 -24.58
CA ARG A 257 -47.76 36.88 -25.00
C ARG A 257 -47.75 38.00 -23.96
N ASP A 258 -48.28 37.76 -22.77
CA ASP A 258 -48.26 38.77 -21.73
C ASP A 258 -46.83 38.98 -21.24
N PRO A 259 -46.34 40.23 -21.23
CA PRO A 259 -44.95 40.47 -20.78
C PRO A 259 -44.72 40.06 -19.34
N LEU A 260 -45.70 40.25 -18.46
CA LEU A 260 -45.54 39.82 -17.06
C LEU A 260 -45.46 38.31 -16.96
N VAL A 261 -46.28 37.59 -17.74
CA VAL A 261 -46.24 36.13 -17.74
C VAL A 261 -44.89 35.63 -18.26
N VAL A 262 -44.39 36.25 -19.33
CA VAL A 262 -43.09 35.86 -19.87
C VAL A 262 -41.98 36.14 -18.87
N ALA A 263 -42.05 37.28 -18.19
CA ALA A 263 -41.05 37.62 -17.17
C ALA A 263 -41.10 36.63 -16.01
N ALA A 264 -42.30 36.24 -15.59
CA ALA A 264 -42.42 35.26 -14.52
C ALA A 264 -41.85 33.90 -14.93
N LEU A 265 -42.13 33.47 -16.17
CA LEU A 265 -41.58 32.21 -16.65
C LEU A 265 -40.06 32.24 -16.71
N HIS A 266 -39.50 33.36 -17.18
CA HIS A 266 -38.04 33.44 -17.27
C HIS A 266 -37.41 33.57 -15.89
N LEU A 267 -38.10 34.18 -14.93
CA LEU A 267 -37.60 34.19 -13.55
C LEU A 267 -37.62 32.78 -12.97
N CYS A 268 -38.64 31.98 -13.30
CA CYS A 268 -38.67 30.59 -12.89
C CYS A 268 -37.50 29.82 -13.48
N ILE A 269 -37.21 30.05 -14.76
CA ILE A 269 -36.07 29.40 -15.39
C ILE A 269 -34.76 29.86 -14.76
N ALA A 270 -34.70 31.13 -14.36
CA ALA A 270 -33.53 31.65 -13.66
C ALA A 270 -33.32 30.95 -12.32
N LEU A 271 -34.41 30.70 -11.59
CA LEU A 271 -34.30 29.94 -10.34
C LEU A 271 -33.84 28.51 -10.59
N GLY A 272 -34.37 27.89 -11.66
CA GLY A 272 -33.95 26.54 -11.99
C GLY A 272 -32.48 26.44 -12.34
N TYR A 273 -31.95 27.47 -13.02
CA TYR A 273 -30.52 27.50 -13.30
C TYR A 273 -29.71 27.89 -12.07
N ALA A 274 -30.31 28.69 -11.18
CA ALA A 274 -29.66 29.00 -9.91
C ALA A 274 -29.50 27.76 -9.04
N ASN A 275 -30.35 26.75 -9.22
CA ASN A 275 -30.13 25.47 -8.55
C ASN A 275 -28.74 24.91 -8.87
N SER A 276 -28.42 24.80 -10.16
CA SER A 276 -27.11 24.30 -10.57
C SER A 276 -26.01 25.31 -10.31
N SER A 277 -26.35 26.60 -10.19
CA SER A 277 -25.34 27.58 -9.83
C SER A 277 -24.93 27.47 -8.37
N LEU A 278 -25.90 27.18 -7.49
CA LEU A 278 -25.67 27.22 -6.05
C LEU A 278 -25.38 25.85 -5.45
N ASN A 279 -25.61 24.75 -6.17
CA ASN A 279 -25.20 23.45 -5.66
C ASN A 279 -23.70 23.32 -5.42
N PRO A 280 -22.80 23.68 -6.35
CA PRO A 280 -21.37 23.66 -6.00
C PRO A 280 -20.99 24.62 -4.89
N VAL A 281 -21.64 25.78 -4.81
CA VAL A 281 -21.38 26.69 -3.71
C VAL A 281 -21.84 26.09 -2.39
N LEU A 282 -22.96 25.35 -2.43
CA LEU A 282 -23.45 24.67 -1.23
C LEU A 282 -22.46 23.60 -0.78
N TYR A 283 -21.90 22.84 -1.74
CA TYR A 283 -20.89 21.84 -1.38
C TYR A 283 -19.64 22.51 -0.81
N ALA A 284 -19.23 23.63 -1.41
CA ALA A 284 -18.02 24.31 -0.94
C ALA A 284 -18.21 24.86 0.47
N PHE A 285 -19.40 25.39 0.77
CA PHE A 285 -19.63 26.03 2.06
C PHE A 285 -20.24 25.10 3.10
N LEU A 286 -20.53 23.84 2.76
CA LEU A 286 -21.15 22.92 3.69
C LEU A 286 -20.39 21.63 3.93
N ASP A 287 -19.47 21.25 3.05
CA ASP A 287 -18.70 20.03 3.24
C ASP A 287 -17.67 20.26 4.34
N GLU A 288 -17.77 19.47 5.42
CA GLU A 288 -16.77 19.55 6.47
C GLU A 288 -15.42 19.05 5.99
N ASN A 289 -15.40 18.12 5.03
CA ASN A 289 -14.15 17.73 4.40
C ASN A 289 -13.52 18.89 3.65
N PHE A 290 -14.33 19.68 2.95
CA PHE A 290 -13.81 20.86 2.26
C PHE A 290 -13.35 21.92 3.25
N LYS A 291 -14.04 22.05 4.38
CA LYS A 291 -13.61 22.98 5.42
C LYS A 291 -12.27 22.55 6.02
N ARG A 292 -12.09 21.24 6.23
CA ARG A 292 -10.82 20.74 6.74
C ARG A 292 -9.70 20.86 5.72
N CYS A 293 -10.02 20.69 4.44
CA CYS A 293 -9.02 20.79 3.37
C CYS A 293 -8.70 22.24 3.13
N PHE A 294 -7.77 22.77 3.92
CA PHE A 294 -7.35 24.17 3.80
C PHE A 294 -6.46 24.36 2.58
N VAL B 2 7.43 -31.88 -9.36
CA VAL B 2 7.11 -31.17 -10.60
C VAL B 2 7.00 -32.15 -11.74
N GLN B 3 5.80 -32.33 -12.28
CA GLN B 3 5.62 -33.20 -13.44
C GLN B 3 4.41 -32.75 -14.25
N LEU B 4 4.60 -32.66 -15.56
CA LEU B 4 3.52 -32.43 -16.51
C LEU B 4 3.33 -33.72 -17.31
N VAL B 5 2.14 -34.28 -17.26
CA VAL B 5 1.82 -35.54 -17.94
C VAL B 5 0.75 -35.26 -18.98
N GLU B 6 1.08 -35.50 -20.24
CA GLU B 6 0.16 -35.26 -21.34
C GLU B 6 -0.66 -36.52 -21.63
N SER B 7 -1.84 -36.30 -22.21
CA SER B 7 -2.75 -37.40 -22.53
C SER B 7 -3.50 -37.06 -23.81
N GLY B 8 -4.02 -38.10 -24.46
CA GLY B 8 -4.70 -37.94 -25.72
C GLY B 8 -3.96 -38.64 -26.84
N GLY B 9 -3.86 -38.00 -28.00
CA GLY B 9 -3.11 -38.58 -29.08
C GLY B 9 -3.81 -39.77 -29.72
N GLY B 10 -3.01 -40.59 -30.41
CA GLY B 10 -3.53 -41.75 -31.10
C GLY B 10 -3.88 -41.47 -32.54
N LEU B 11 -4.30 -42.54 -33.22
CA LEU B 11 -4.68 -42.43 -34.63
C LEU B 11 -5.95 -41.61 -34.78
N VAL B 12 -5.99 -40.79 -35.83
CA VAL B 12 -7.15 -39.95 -36.12
C VAL B 12 -7.20 -39.70 -37.62
N GLN B 13 -8.40 -39.80 -38.18
CA GLN B 13 -8.57 -39.57 -39.62
C GLN B 13 -8.34 -38.10 -39.95
N PRO B 14 -7.83 -37.81 -41.15
CA PRO B 14 -7.64 -36.41 -41.55
C PRO B 14 -8.95 -35.65 -41.59
N GLY B 15 -8.89 -34.39 -41.18
CA GLY B 15 -10.09 -33.60 -41.01
C GLY B 15 -10.87 -33.88 -39.74
N GLY B 16 -10.32 -34.69 -38.83
CA GLY B 16 -11.00 -35.05 -37.60
C GLY B 16 -10.79 -34.04 -36.50
N SER B 17 -11.04 -34.47 -35.27
CA SER B 17 -10.93 -33.62 -34.11
C SER B 17 -10.38 -34.41 -32.93
N ARG B 18 -9.55 -33.75 -32.12
CA ARG B 18 -8.98 -34.35 -30.92
C ARG B 18 -8.71 -33.25 -29.91
N LYS B 19 -8.64 -33.64 -28.64
CA LYS B 19 -8.34 -32.72 -27.56
C LYS B 19 -7.21 -33.30 -26.71
N LEU B 20 -6.09 -32.59 -26.66
CA LEU B 20 -4.96 -33.00 -25.85
C LEU B 20 -5.07 -32.40 -24.45
N SER B 21 -4.67 -33.18 -23.46
CA SER B 21 -4.72 -32.76 -22.08
C SER B 21 -3.33 -32.78 -21.46
N CYS B 22 -3.19 -32.13 -20.31
CA CYS B 22 -1.94 -32.12 -19.57
C CYS B 22 -2.23 -31.89 -18.10
N SER B 23 -1.93 -32.87 -17.26
CA SER B 23 -2.14 -32.76 -15.83
C SER B 23 -0.83 -32.28 -15.18
N ALA B 24 -0.90 -31.13 -14.51
CA ALA B 24 0.23 -30.56 -13.81
C ALA B 24 0.11 -30.87 -12.32
N SER B 25 1.21 -31.33 -11.72
CA SER B 25 1.22 -31.66 -10.30
C SER B 25 2.62 -31.49 -9.77
N GLY B 26 2.82 -30.54 -8.86
CA GLY B 26 4.09 -30.36 -8.21
C GLY B 26 4.56 -28.93 -8.13
N PHE B 27 3.73 -27.98 -8.59
CA PHE B 27 4.12 -26.58 -8.61
C PHE B 27 2.87 -25.71 -8.65
N ALA B 28 3.08 -24.41 -8.50
CA ALA B 28 2.01 -23.42 -8.55
C ALA B 28 1.60 -23.24 -10.01
N PHE B 29 0.60 -24.02 -10.43
CA PHE B 29 0.23 -24.06 -11.84
C PHE B 29 -0.33 -22.74 -12.33
N SER B 30 -1.09 -22.04 -11.49
CA SER B 30 -1.73 -20.80 -11.91
C SER B 30 -0.71 -19.70 -12.17
N SER B 31 0.46 -19.77 -11.55
CA SER B 31 1.48 -18.73 -11.68
C SER B 31 2.38 -18.94 -12.88
N PHE B 32 2.18 -20.02 -13.64
CA PHE B 32 3.04 -20.36 -14.77
C PHE B 32 2.29 -20.23 -16.07
N GLY B 33 2.92 -19.57 -17.06
CA GLY B 33 2.39 -19.61 -18.41
C GLY B 33 2.76 -20.90 -19.11
N MET B 34 1.87 -21.38 -19.96
CA MET B 34 1.99 -22.68 -20.59
C MET B 34 2.23 -22.55 -22.08
N HIS B 35 3.08 -23.42 -22.61
CA HIS B 35 3.38 -23.50 -24.03
C HIS B 35 3.12 -24.91 -24.53
N TRP B 36 2.73 -25.01 -25.80
CA TRP B 36 2.67 -26.27 -26.52
C TRP B 36 3.72 -26.24 -27.61
N VAL B 37 4.58 -27.25 -27.64
CA VAL B 37 5.62 -27.38 -28.66
C VAL B 37 5.59 -28.80 -29.20
N ARG B 38 5.53 -28.94 -30.51
CA ARG B 38 5.46 -30.23 -31.18
C ARG B 38 6.80 -30.55 -31.84
N GLN B 39 6.97 -31.82 -32.19
CA GLN B 39 8.18 -32.28 -32.85
C GLN B 39 7.82 -33.42 -33.81
N ALA B 40 8.13 -33.22 -35.09
CA ALA B 40 7.87 -34.23 -36.09
C ALA B 40 8.72 -35.47 -35.83
N PRO B 41 8.30 -36.64 -36.33
CA PRO B 41 9.01 -37.89 -35.98
C PRO B 41 10.48 -37.92 -36.37
N GLU B 42 10.89 -37.14 -37.37
CA GLU B 42 12.29 -37.09 -37.77
C GLU B 42 12.76 -35.65 -37.98
N LYS B 43 12.15 -34.70 -37.27
CA LYS B 43 12.53 -33.30 -37.43
C LYS B 43 12.67 -32.60 -36.08
N GLY B 44 12.86 -31.28 -36.12
CA GLY B 44 13.09 -30.51 -34.91
C GLY B 44 11.81 -30.01 -34.26
N LEU B 45 11.99 -29.25 -33.18
CA LEU B 45 10.87 -28.74 -32.41
C LEU B 45 10.23 -27.55 -33.12
N GLU B 46 8.93 -27.37 -32.88
CA GLU B 46 8.17 -26.27 -33.46
C GLU B 46 7.16 -25.78 -32.45
N TRP B 47 7.12 -24.45 -32.25
CA TRP B 47 6.19 -23.87 -31.30
C TRP B 47 4.77 -23.87 -31.86
N VAL B 48 3.79 -24.11 -30.99
CA VAL B 48 2.40 -24.27 -31.43
C VAL B 48 1.51 -23.18 -30.85
N ALA B 49 1.38 -23.13 -29.53
CA ALA B 49 0.46 -22.20 -28.89
C ALA B 49 1.00 -21.77 -27.54
N TYR B 50 0.46 -20.66 -27.04
CA TYR B 50 0.85 -20.11 -25.74
C TYR B 50 -0.38 -19.57 -25.03
N ILE B 51 -0.50 -19.88 -23.74
CA ILE B 51 -1.50 -19.28 -22.88
C ILE B 51 -0.79 -18.72 -21.65
N SER B 52 -1.17 -17.51 -21.24
CA SER B 52 -0.53 -16.84 -20.13
C SER B 52 -1.25 -17.12 -18.82
N SER B 53 -0.63 -16.71 -17.72
CA SER B 53 -1.26 -16.84 -16.41
C SER B 53 -2.47 -15.93 -16.32
N GLY B 54 -3.58 -16.47 -15.83
CA GLY B 54 -4.84 -15.75 -15.85
C GLY B 54 -5.58 -15.83 -17.17
N SER B 55 -5.03 -16.55 -18.15
CA SER B 55 -5.65 -16.73 -19.47
C SER B 55 -5.92 -15.39 -20.14
N GLY B 56 -5.00 -14.45 -19.97
CA GLY B 56 -5.15 -13.13 -20.55
C GLY B 56 -4.77 -13.07 -22.01
N THR B 57 -3.53 -13.44 -22.33
CA THR B 57 -3.02 -13.39 -23.69
C THR B 57 -2.86 -14.80 -24.23
N ILE B 58 -3.39 -15.05 -25.42
CA ILE B 58 -3.25 -16.32 -26.12
C ILE B 58 -2.58 -16.05 -27.45
N TYR B 59 -1.53 -16.81 -27.76
CA TYR B 59 -0.80 -16.69 -29.01
C TYR B 59 -0.76 -18.03 -29.71
N TYR B 60 -0.89 -18.01 -31.03
CA TYR B 60 -0.90 -19.22 -31.84
C TYR B 60 0.12 -19.11 -32.95
N ALA B 61 0.59 -20.27 -33.41
CA ALA B 61 1.41 -20.31 -34.60
C ALA B 61 0.56 -20.04 -35.84
N ASP B 62 1.21 -19.55 -36.89
CA ASP B 62 0.48 -19.21 -38.11
C ASP B 62 -0.07 -20.46 -38.79
N THR B 63 0.68 -21.55 -38.75
CA THR B 63 0.23 -22.80 -39.37
C THR B 63 -0.88 -23.47 -38.60
N VAL B 64 -1.18 -23.04 -37.37
CA VAL B 64 -2.21 -23.64 -36.55
C VAL B 64 -3.33 -22.67 -36.20
N LYS B 65 -3.21 -21.39 -36.57
CA LYS B 65 -4.19 -20.40 -36.16
C LYS B 65 -5.53 -20.65 -36.84
N GLY B 66 -6.61 -20.54 -36.06
CA GLY B 66 -7.95 -20.70 -36.55
C GLY B 66 -8.48 -22.12 -36.49
N ARG B 67 -7.62 -23.11 -36.34
CA ARG B 67 -8.04 -24.49 -36.20
C ARG B 67 -7.71 -25.10 -34.85
N PHE B 68 -6.80 -24.49 -34.08
CA PHE B 68 -6.40 -25.02 -32.79
C PHE B 68 -6.83 -24.06 -31.69
N THR B 69 -7.24 -24.60 -30.55
CA THR B 69 -7.70 -23.82 -29.41
C THR B 69 -6.94 -24.27 -28.16
N ILE B 70 -6.34 -23.31 -27.46
CA ILE B 70 -5.61 -23.58 -26.23
C ILE B 70 -6.41 -23.01 -25.06
N SER B 71 -6.42 -23.74 -23.94
CA SER B 71 -7.17 -23.34 -22.77
C SER B 71 -6.55 -23.98 -21.54
N ARG B 72 -6.86 -23.43 -20.38
CA ARG B 72 -6.38 -23.96 -19.11
C ARG B 72 -7.53 -23.96 -18.10
N ASP B 73 -7.47 -24.93 -17.19
CA ASP B 73 -8.41 -25.05 -16.09
C ASP B 73 -7.58 -25.08 -14.80
N ASP B 74 -7.35 -23.89 -14.24
CA ASP B 74 -6.47 -23.76 -13.08
C ASP B 74 -6.94 -24.54 -11.84
N PRO B 75 -8.22 -24.51 -11.44
CA PRO B 75 -8.61 -25.26 -10.24
C PRO B 75 -8.35 -26.76 -10.34
N LYS B 76 -8.48 -27.35 -11.51
CA LYS B 76 -8.17 -28.77 -11.67
C LYS B 76 -6.77 -29.02 -12.22
N ASN B 77 -5.97 -27.95 -12.39
CA ASN B 77 -4.56 -28.05 -12.77
C ASN B 77 -4.36 -28.81 -14.08
N THR B 78 -5.13 -28.42 -15.10
CA THR B 78 -5.11 -29.11 -16.38
C THR B 78 -5.02 -28.09 -17.51
N LEU B 79 -4.26 -28.44 -18.55
CA LEU B 79 -4.07 -27.63 -19.73
C LEU B 79 -4.58 -28.38 -20.95
N PHE B 80 -5.27 -27.66 -21.84
CA PHE B 80 -5.96 -28.28 -22.97
C PHE B 80 -5.47 -27.71 -24.29
N LEU B 81 -5.58 -28.53 -25.34
CA LEU B 81 -5.32 -28.09 -26.71
C LEU B 81 -6.33 -28.79 -27.61
N GLN B 82 -7.34 -28.06 -28.06
CA GLN B 82 -8.39 -28.62 -28.90
C GLN B 82 -7.97 -28.56 -30.36
N MET B 83 -8.05 -29.70 -31.04
CA MET B 83 -7.62 -29.83 -32.43
C MET B 83 -8.83 -29.98 -33.32
N THR B 84 -8.91 -29.17 -34.37
CA THR B 84 -9.99 -29.26 -35.33
C THR B 84 -9.42 -29.19 -36.75
N SER B 85 -10.04 -29.94 -37.66
CA SER B 85 -9.61 -30.03 -39.06
C SER B 85 -8.15 -30.47 -39.16
N LEU B 86 -7.91 -31.69 -38.71
CA LEU B 86 -6.54 -32.20 -38.64
C LEU B 86 -6.01 -32.53 -40.02
N ARG B 87 -4.82 -32.02 -40.32
CA ARG B 87 -4.14 -32.29 -41.58
C ARG B 87 -3.06 -33.34 -41.35
N SER B 88 -2.38 -33.72 -42.44
CA SER B 88 -1.30 -34.69 -42.35
C SER B 88 0.03 -34.05 -41.98
N GLU B 89 0.08 -32.72 -41.86
CA GLU B 89 1.29 -32.02 -41.46
C GLU B 89 1.36 -31.79 -39.95
N ASP B 90 0.32 -32.17 -39.21
CA ASP B 90 0.30 -32.00 -37.76
C ASP B 90 0.46 -33.34 -37.03
N THR B 91 1.16 -34.29 -37.65
CA THR B 91 1.52 -35.52 -36.97
C THR B 91 2.88 -35.32 -36.29
N ALA B 92 2.87 -35.38 -34.97
CA ALA B 92 4.05 -35.04 -34.17
C ALA B 92 3.83 -35.53 -32.74
N MET B 93 4.81 -35.24 -31.89
CA MET B 93 4.70 -35.46 -30.46
C MET B 93 4.62 -34.09 -29.78
N TYR B 94 3.54 -33.86 -29.04
CA TYR B 94 3.25 -32.55 -28.47
C TYR B 94 3.72 -32.49 -27.02
N TYR B 95 4.54 -31.49 -26.73
CA TYR B 95 5.11 -31.28 -25.40
C TYR B 95 4.42 -30.12 -24.70
N CYS B 96 4.42 -30.17 -23.37
CA CYS B 96 3.96 -29.08 -22.53
C CYS B 96 5.14 -28.49 -21.78
N VAL B 97 5.28 -27.17 -21.83
CA VAL B 97 6.43 -26.47 -21.26
C VAL B 97 5.94 -25.49 -20.21
N ARG B 98 6.53 -25.55 -19.01
CA ARG B 98 6.36 -24.52 -18.02
C ARG B 98 7.05 -23.24 -18.48
N SER B 99 6.52 -22.10 -18.05
CA SER B 99 7.16 -20.82 -18.33
C SER B 99 6.66 -19.78 -17.35
N ILE B 100 7.58 -19.20 -16.58
CA ILE B 100 7.28 -18.11 -15.67
C ILE B 100 8.06 -16.89 -16.13
N TYR B 101 7.55 -15.71 -15.79
CA TYR B 101 8.04 -14.47 -16.38
C TYR B 101 8.09 -13.37 -15.33
N TYR B 102 9.29 -13.11 -14.80
CA TYR B 102 9.57 -11.91 -14.03
C TYR B 102 11.06 -11.63 -14.19
N TYR B 103 11.54 -10.62 -13.47
CA TYR B 103 12.96 -10.30 -13.52
C TYR B 103 13.77 -11.42 -12.89
N GLY B 104 14.73 -11.96 -13.65
CA GLY B 104 15.52 -13.06 -13.19
C GLY B 104 14.89 -14.43 -13.35
N SER B 105 13.82 -14.55 -14.12
CA SER B 105 13.14 -15.81 -14.28
C SER B 105 13.97 -16.79 -15.12
N SER B 106 13.50 -18.04 -15.17
CA SER B 106 14.09 -19.08 -16.00
C SER B 106 12.97 -19.72 -16.81
N PRO B 107 12.53 -19.08 -17.88
CA PRO B 107 11.43 -19.63 -18.68
C PRO B 107 11.84 -20.90 -19.42
N PHE B 108 10.82 -21.68 -19.77
CA PHE B 108 11.00 -22.98 -20.45
C PHE B 108 11.85 -23.93 -19.62
N ASP B 109 11.68 -23.86 -18.29
CA ASP B 109 12.52 -24.63 -17.39
C ASP B 109 12.15 -26.10 -17.39
N PHE B 110 10.86 -26.41 -17.42
CA PHE B 110 10.40 -27.79 -17.33
C PHE B 110 9.57 -28.16 -18.55
N TRP B 111 9.75 -29.41 -19.00
CA TRP B 111 9.03 -29.95 -20.15
C TRP B 111 8.36 -31.25 -19.75
N GLY B 112 7.30 -31.59 -20.47
CA GLY B 112 6.63 -32.85 -20.24
C GLY B 112 7.14 -33.96 -21.13
N GLN B 113 6.71 -35.18 -20.82
CA GLN B 113 7.12 -36.33 -21.62
C GLN B 113 6.56 -36.26 -23.03
N GLY B 114 5.29 -35.88 -23.17
CA GLY B 114 4.72 -35.69 -24.49
C GLY B 114 3.99 -36.92 -25.00
N THR B 115 2.98 -36.68 -25.83
CA THR B 115 2.21 -37.73 -26.47
C THR B 115 2.19 -37.52 -27.98
N THR B 116 2.09 -38.62 -28.72
CA THR B 116 2.16 -38.61 -30.16
C THR B 116 0.77 -38.63 -30.77
N LEU B 117 0.58 -37.84 -31.81
CA LEU B 117 -0.65 -37.80 -32.59
C LEU B 117 -0.33 -38.16 -34.03
N THR B 118 -1.05 -39.15 -34.58
CA THR B 118 -0.82 -39.63 -35.93
C THR B 118 -2.09 -39.42 -36.75
N VAL B 119 -1.96 -38.74 -37.88
CA VAL B 119 -3.06 -38.49 -38.79
C VAL B 119 -2.89 -39.39 -40.01
N SER B 120 -3.93 -40.13 -40.33
CA SER B 120 -3.88 -41.06 -41.45
C SER B 120 -3.74 -40.32 -42.77
N SER B 121 -3.02 -40.95 -43.71
CA SER B 121 -2.79 -40.35 -45.02
C SER B 121 -4.06 -40.38 -45.86
N SER B 136 7.82 -10.78 -41.00
CA SER B 136 7.75 -12.24 -40.89
C SER B 136 8.54 -12.74 -39.69
N ASP B 137 8.41 -14.03 -39.40
CA ASP B 137 9.14 -14.64 -38.30
C ASP B 137 10.63 -14.74 -38.62
N ILE B 138 11.45 -14.55 -37.61
CA ILE B 138 12.90 -14.63 -37.78
C ILE B 138 13.32 -16.10 -37.68
N VAL B 139 14.44 -16.42 -38.32
CA VAL B 139 14.88 -17.81 -38.45
C VAL B 139 16.18 -18.01 -37.70
N MET B 140 16.34 -19.21 -37.16
CA MET B 140 17.57 -19.61 -36.47
C MET B 140 18.25 -20.70 -37.28
N THR B 141 19.53 -20.50 -37.58
CA THR B 141 20.30 -21.40 -38.42
C THR B 141 21.38 -22.09 -37.61
N GLN B 142 21.38 -23.41 -37.63
CA GLN B 142 22.43 -24.23 -37.02
C GLN B 142 22.96 -25.13 -38.14
N ALA B 143 23.94 -24.61 -38.88
CA ALA B 143 24.46 -25.35 -40.03
C ALA B 143 25.15 -26.64 -39.62
N THR B 144 25.76 -26.68 -38.44
CA THR B 144 26.45 -27.87 -37.98
C THR B 144 25.44 -28.97 -37.67
N SER B 145 25.79 -30.20 -38.02
CA SER B 145 24.98 -31.37 -37.72
C SER B 145 25.87 -32.60 -37.73
N SER B 146 25.49 -33.58 -36.90
CA SER B 146 26.24 -34.83 -36.76
C SER B 146 27.71 -34.57 -36.41
N VAL B 147 27.94 -33.66 -35.47
CA VAL B 147 29.29 -33.31 -35.05
C VAL B 147 29.89 -34.46 -34.26
N PRO B 148 31.02 -35.02 -34.70
CA PRO B 148 31.63 -36.14 -33.95
C PRO B 148 32.41 -35.61 -32.75
N VAL B 149 32.13 -36.18 -31.57
CA VAL B 149 32.73 -35.75 -30.33
C VAL B 149 33.31 -36.95 -29.60
N THR B 150 34.24 -36.66 -28.68
CA THR B 150 34.85 -37.66 -27.82
C THR B 150 34.79 -37.18 -26.38
N PRO B 151 34.69 -38.10 -25.42
CA PRO B 151 34.62 -37.70 -24.02
C PRO B 151 35.88 -36.98 -23.56
N GLY B 152 35.71 -35.99 -22.70
CA GLY B 152 36.80 -35.19 -22.20
C GLY B 152 37.25 -34.07 -23.11
N GLU B 153 36.56 -33.85 -24.23
CA GLU B 153 36.94 -32.82 -25.18
C GLU B 153 36.12 -31.55 -24.95
N SER B 154 36.42 -30.52 -25.73
CA SER B 154 35.70 -29.26 -25.70
C SER B 154 35.11 -29.00 -27.07
N VAL B 155 33.79 -28.78 -27.12
CA VAL B 155 33.09 -28.52 -28.37
C VAL B 155 32.32 -27.21 -28.24
N SER B 156 32.00 -26.62 -29.39
CA SER B 156 31.24 -25.39 -29.46
C SER B 156 30.12 -25.56 -30.49
N ILE B 157 28.90 -25.23 -30.08
CA ILE B 157 27.72 -25.35 -30.94
C ILE B 157 27.24 -23.94 -31.25
N SER B 158 27.18 -23.61 -32.53
CA SER B 158 26.88 -22.25 -32.97
C SER B 158 25.45 -22.13 -33.47
N CYS B 159 24.82 -20.99 -33.16
CA CYS B 159 23.49 -20.65 -33.64
C CYS B 159 23.53 -19.25 -34.22
N ARG B 160 22.96 -19.09 -35.41
CA ARG B 160 22.88 -17.80 -36.08
C ARG B 160 21.42 -17.45 -36.33
N SER B 161 21.07 -16.21 -36.04
CA SER B 161 19.72 -15.69 -36.25
C SER B 161 19.69 -14.77 -37.46
N SER B 162 18.51 -14.23 -37.75
CA SER B 162 18.33 -13.27 -38.82
C SER B 162 18.19 -11.84 -38.35
N LYS B 163 17.89 -11.64 -37.07
CA LYS B 163 17.80 -10.31 -36.48
C LYS B 163 18.56 -10.32 -35.15
N SER B 164 19.02 -9.15 -34.75
CA SER B 164 19.72 -9.04 -33.47
C SER B 164 18.76 -9.28 -32.32
N LEU B 165 19.09 -10.21 -31.45
CA LEU B 165 18.25 -10.53 -30.31
C LEU B 165 18.57 -9.70 -29.08
N LEU B 166 19.50 -8.76 -29.18
CA LEU B 166 19.79 -7.83 -28.09
C LEU B 166 18.74 -6.73 -28.07
N HIS B 167 17.90 -6.72 -27.05
CA HIS B 167 16.86 -5.72 -26.92
C HIS B 167 17.41 -4.49 -26.20
N SER B 168 16.61 -3.43 -26.19
CA SER B 168 16.98 -2.22 -25.45
C SER B 168 17.00 -2.44 -23.94
N ASN B 169 16.40 -3.53 -23.45
CA ASN B 169 16.51 -3.91 -22.05
C ASN B 169 17.89 -4.46 -21.69
N GLY B 170 18.75 -4.69 -22.67
CA GLY B 170 20.06 -5.24 -22.43
C GLY B 170 20.12 -6.74 -22.37
N ASN B 171 19.02 -7.44 -22.66
CA ASN B 171 18.95 -8.89 -22.58
C ASN B 171 19.05 -9.47 -23.98
N THR B 172 19.91 -10.46 -24.16
CA THR B 172 20.00 -11.24 -25.39
C THR B 172 19.15 -12.48 -25.22
N TYR B 173 18.15 -12.63 -26.07
CA TYR B 173 17.06 -13.59 -25.82
C TYR B 173 17.30 -14.88 -26.59
N LEU B 174 18.26 -15.65 -26.10
CA LEU B 174 18.66 -16.90 -26.74
C LEU B 174 18.62 -18.03 -25.72
N TYR B 175 17.91 -19.11 -26.07
CA TYR B 175 17.71 -20.25 -25.19
C TYR B 175 18.35 -21.48 -25.79
N TRP B 176 18.98 -22.29 -24.94
CA TRP B 176 19.64 -23.51 -25.35
C TRP B 176 18.95 -24.71 -24.72
N PHE B 177 18.66 -25.73 -25.52
CA PHE B 177 17.96 -26.92 -25.07
C PHE B 177 18.75 -28.15 -25.46
N LEU B 178 18.62 -29.20 -24.65
CA LEU B 178 19.29 -30.47 -24.90
C LEU B 178 18.24 -31.58 -24.88
N GLN B 179 18.05 -32.24 -26.02
CA GLN B 179 17.14 -33.37 -26.13
C GLN B 179 18.00 -34.63 -26.23
N ARG B 180 18.02 -35.40 -25.14
CA ARG B 180 18.72 -36.66 -25.12
C ARG B 180 17.89 -37.72 -25.84
N PRO B 181 18.52 -38.78 -26.33
CA PRO B 181 17.77 -39.85 -27.03
C PRO B 181 16.72 -40.47 -26.12
N GLY B 182 15.47 -40.39 -26.55
CA GLY B 182 14.36 -40.96 -25.81
C GLY B 182 13.87 -40.11 -24.66
N GLN B 183 14.28 -38.85 -24.57
CA GLN B 183 13.90 -37.99 -23.45
C GLN B 183 13.43 -36.64 -23.97
N SER B 184 12.61 -35.99 -23.15
CA SER B 184 12.15 -34.64 -23.46
C SER B 184 13.30 -33.64 -23.32
N PRO B 185 13.27 -32.55 -24.09
CA PRO B 185 14.35 -31.57 -24.02
C PRO B 185 14.41 -30.88 -22.67
N GLN B 186 15.63 -30.49 -22.30
CA GLN B 186 15.92 -29.84 -21.03
C GLN B 186 16.62 -28.51 -21.28
N LEU B 187 16.24 -27.49 -20.52
CA LEU B 187 16.86 -26.18 -20.64
C LEU B 187 18.24 -26.19 -20.02
N LEU B 188 19.23 -25.70 -20.78
CA LEU B 188 20.60 -25.54 -20.30
C LEU B 188 20.91 -24.10 -19.93
N ILE B 189 20.56 -23.15 -20.81
CA ILE B 189 20.85 -21.73 -20.61
C ILE B 189 19.65 -20.95 -21.10
N TYR B 190 19.06 -20.13 -20.21
CA TYR B 190 17.81 -19.47 -20.55
C TYR B 190 18.02 -18.15 -21.29
N ARG B 191 18.67 -17.18 -20.66
CA ARG B 191 19.14 -16.02 -21.40
C ARG B 191 20.63 -16.21 -21.67
N MET B 192 21.10 -15.60 -22.75
CA MET B 192 22.48 -15.77 -23.20
C MET B 192 23.46 -15.55 -22.06
N SER B 193 24.24 -16.60 -21.77
CA SER B 193 25.14 -16.66 -20.61
C SER B 193 24.37 -16.58 -19.29
N ASN B 194 23.51 -17.59 -19.08
CA ASN B 194 22.80 -17.73 -17.80
C ASN B 194 22.51 -19.21 -17.59
N LEU B 195 23.33 -19.86 -16.78
CA LEU B 195 23.17 -21.29 -16.51
C LEU B 195 21.91 -21.54 -15.69
N ALA B 196 21.31 -22.71 -15.91
CA ALA B 196 20.06 -23.08 -15.28
C ALA B 196 20.28 -23.97 -14.06
N SER B 197 19.21 -24.15 -13.29
CA SER B 197 19.28 -24.97 -12.10
C SER B 197 19.36 -26.46 -12.47
N GLY B 198 20.24 -27.17 -11.79
CA GLY B 198 20.46 -28.58 -12.05
C GLY B 198 21.43 -28.88 -13.18
N VAL B 199 21.95 -27.86 -13.83
CA VAL B 199 22.86 -28.03 -14.97
C VAL B 199 24.29 -27.90 -14.46
N PRO B 200 25.17 -28.86 -14.74
CA PRO B 200 26.56 -28.75 -14.29
C PRO B 200 27.27 -27.55 -14.90
N ASP B 201 28.22 -27.00 -14.15
CA ASP B 201 28.89 -25.77 -14.54
C ASP B 201 30.02 -26.03 -15.53
N ARG B 202 29.72 -26.77 -16.59
CA ARG B 202 30.63 -26.90 -17.73
C ARG B 202 30.00 -26.42 -19.02
N PHE B 203 28.71 -26.12 -19.03
CA PHE B 203 28.05 -25.49 -20.16
C PHE B 203 28.15 -23.97 -19.99
N SER B 204 28.73 -23.30 -20.98
CA SER B 204 28.89 -21.86 -20.97
C SER B 204 28.24 -21.26 -22.21
N GLY B 205 27.54 -20.15 -22.04
CA GLY B 205 26.89 -19.47 -23.14
C GLY B 205 27.62 -18.19 -23.51
N SER B 206 27.76 -17.97 -24.81
CA SER B 206 28.46 -16.79 -25.30
C SER B 206 27.88 -16.39 -26.64
N GLY B 207 28.11 -15.14 -27.01
CA GLY B 207 27.60 -14.61 -28.25
C GLY B 207 27.37 -13.12 -28.14
N SER B 208 27.03 -12.53 -29.28
CA SER B 208 26.77 -11.10 -29.34
C SER B 208 25.99 -10.81 -30.61
N GLY B 209 24.79 -10.24 -30.47
CA GLY B 209 24.03 -9.85 -31.63
C GLY B 209 23.40 -11.02 -32.36
N THR B 210 23.99 -11.38 -33.51
CA THR B 210 23.46 -12.41 -34.37
C THR B 210 24.04 -13.79 -34.10
N ALA B 211 25.33 -13.89 -33.79
CA ALA B 211 26.00 -15.17 -33.61
C ALA B 211 26.09 -15.53 -32.13
N PHE B 212 25.81 -16.80 -31.83
CA PHE B 212 25.86 -17.32 -30.47
C PHE B 212 26.57 -18.67 -30.47
N THR B 213 27.13 -19.03 -29.32
CA THR B 213 27.84 -20.29 -29.18
C THR B 213 27.59 -20.88 -27.81
N LEU B 214 27.50 -22.20 -27.76
CA LEU B 214 27.41 -22.95 -26.52
C LEU B 214 28.66 -23.80 -26.39
N THR B 215 29.40 -23.59 -25.30
CA THR B 215 30.68 -24.24 -25.09
C THR B 215 30.58 -25.22 -23.91
N ILE B 216 30.96 -26.47 -24.16
CA ILE B 216 31.08 -27.48 -23.13
C ILE B 216 32.57 -27.71 -22.89
N SER B 217 33.05 -27.33 -21.70
CA SER B 217 34.47 -27.43 -21.42
C SER B 217 34.93 -28.88 -21.33
N ARG B 218 34.20 -29.69 -20.58
CA ARG B 218 34.48 -31.12 -20.45
C ARG B 218 33.21 -31.90 -20.76
N LEU B 219 33.36 -32.98 -21.52
CA LEU B 219 32.23 -33.73 -22.01
C LEU B 219 31.94 -34.94 -21.12
N GLU B 220 30.80 -35.59 -21.41
CA GLU B 220 30.39 -36.78 -20.69
C GLU B 220 29.44 -37.57 -21.59
N ALA B 221 29.25 -38.84 -21.24
CA ALA B 221 28.35 -39.69 -22.00
C ALA B 221 26.89 -39.25 -21.89
N GLU B 222 26.54 -38.51 -20.85
CA GLU B 222 25.19 -37.98 -20.69
C GLU B 222 24.98 -36.65 -21.41
N ASP B 223 26.04 -36.09 -22.01
CA ASP B 223 25.93 -34.85 -22.76
C ASP B 223 25.66 -35.07 -24.25
N VAL B 224 25.49 -36.32 -24.68
CA VAL B 224 25.17 -36.61 -26.07
C VAL B 224 23.69 -36.32 -26.30
N GLY B 225 23.36 -36.01 -27.54
CA GLY B 225 21.99 -35.70 -27.92
C GLY B 225 21.95 -34.65 -28.99
N VAL B 226 20.81 -33.96 -29.06
CA VAL B 226 20.56 -32.92 -30.05
C VAL B 226 20.37 -31.60 -29.34
N TYR B 227 21.10 -30.59 -29.75
CA TYR B 227 21.12 -29.28 -29.09
C TYR B 227 20.31 -28.30 -29.93
N TYR B 228 19.25 -27.76 -29.35
CA TYR B 228 18.36 -26.84 -30.05
C TYR B 228 18.59 -25.42 -29.55
N CYS B 229 18.30 -24.46 -30.43
CA CYS B 229 18.51 -23.05 -30.16
C CYS B 229 17.19 -22.32 -30.41
N MET B 230 16.74 -21.56 -29.42
CA MET B 230 15.44 -20.90 -29.47
C MET B 230 15.60 -19.41 -29.23
N GLN B 231 14.66 -18.64 -29.76
CA GLN B 231 14.60 -17.21 -29.53
C GLN B 231 13.27 -16.86 -28.87
N HIS B 232 13.31 -15.96 -27.90
CA HIS B 232 12.12 -15.48 -27.21
C HIS B 232 11.98 -13.96 -27.32
N LEU B 233 12.59 -13.35 -28.33
CA LEU B 233 12.50 -11.91 -28.49
C LEU B 233 11.10 -11.47 -28.93
N GLU B 234 10.52 -12.20 -29.89
CA GLU B 234 9.20 -11.85 -30.40
C GLU B 234 8.51 -13.11 -30.90
N TYR B 235 7.19 -13.11 -30.80
CA TYR B 235 6.39 -14.22 -31.29
C TYR B 235 6.27 -14.15 -32.82
N PRO B 236 6.23 -15.32 -33.49
CA PRO B 236 6.24 -16.68 -32.96
C PRO B 236 7.63 -17.13 -32.52
N LEU B 237 7.69 -18.04 -31.54
CA LEU B 237 8.98 -18.58 -31.11
C LEU B 237 9.49 -19.56 -32.14
N THR B 238 10.71 -19.33 -32.62
CA THR B 238 11.28 -20.14 -33.70
C THR B 238 12.52 -20.86 -33.19
N PHE B 239 12.61 -22.15 -33.48
CA PHE B 239 13.73 -22.98 -33.09
C PHE B 239 14.74 -23.04 -34.24
N GLY B 240 15.72 -23.91 -34.10
CA GLY B 240 16.64 -24.20 -35.20
C GLY B 240 16.87 -25.69 -35.29
N ALA B 241 17.17 -26.14 -36.50
CA ALA B 241 17.47 -27.55 -36.72
C ALA B 241 18.69 -27.94 -35.90
N GLY B 242 18.48 -28.84 -34.93
CA GLY B 242 19.49 -29.07 -33.91
C GLY B 242 20.76 -29.70 -34.45
N THR B 243 21.86 -29.40 -33.76
CA THR B 243 23.16 -29.98 -34.08
C THR B 243 23.33 -31.26 -33.26
N LYS B 244 23.23 -32.40 -33.91
CA LYS B 244 23.35 -33.67 -33.22
C LYS B 244 24.80 -33.93 -32.84
N LEU B 245 25.02 -34.31 -31.58
CA LEU B 245 26.31 -34.75 -31.10
C LEU B 245 26.35 -36.26 -31.06
N GLU B 246 27.48 -36.84 -31.44
CA GLU B 246 27.62 -38.29 -31.47
C GLU B 246 29.08 -38.66 -31.24
N LEU B 247 29.28 -39.90 -30.81
CA LEU B 247 30.61 -40.41 -30.52
C LEU B 247 31.18 -41.20 -31.70
N SER C 8 22.55 -5.93 41.02
CA SER C 8 22.45 -6.64 42.29
C SER C 8 23.84 -6.87 42.88
N ILE C 9 24.35 -8.09 42.73
CA ILE C 9 25.67 -8.47 43.24
C ILE C 9 26.65 -8.71 42.10
N ALA C 10 26.37 -9.69 41.24
CA ALA C 10 27.25 -9.98 40.12
C ALA C 10 27.06 -9.00 38.96
N GLN C 11 25.94 -8.28 38.94
CA GLN C 11 25.72 -7.30 37.87
C GLN C 11 26.74 -6.17 37.94
N ALA C 12 27.05 -5.70 39.15
CA ALA C 12 28.05 -4.66 39.31
C ALA C 12 29.44 -5.16 38.91
N ARG C 13 29.75 -6.42 39.25
CA ARG C 13 31.03 -6.98 38.85
C ARG C 13 31.14 -7.09 37.34
N LYS C 14 30.07 -7.53 36.67
CA LYS C 14 30.07 -7.58 35.21
C LYS C 14 30.22 -6.20 34.61
N LEU C 15 29.54 -5.20 35.18
CA LEU C 15 29.62 -3.85 34.66
C LEU C 15 31.03 -3.28 34.79
N VAL C 16 31.66 -3.47 35.95
CA VAL C 16 33.01 -2.93 36.13
C VAL C 16 34.02 -3.70 35.29
N GLU C 17 33.80 -5.01 35.07
CA GLU C 17 34.68 -5.77 34.19
C GLU C 17 34.57 -5.27 32.75
N GLN C 18 33.34 -5.01 32.29
CA GLN C 18 33.16 -4.49 30.94
C GLN C 18 33.77 -3.10 30.80
N LEU C 19 33.62 -2.26 31.83
CA LEU C 19 34.23 -0.93 31.77
C LEU C 19 35.75 -1.01 31.77
N LYS C 20 36.32 -1.95 32.53
CA LYS C 20 37.77 -2.13 32.51
C LYS C 20 38.25 -2.62 31.15
N MET C 21 37.49 -3.53 30.53
CA MET C 21 37.85 -4.00 29.19
C MET C 21 37.77 -2.87 28.16
N GLU C 22 36.77 -1.99 28.30
CA GLU C 22 36.64 -0.88 27.36
C GLU C 22 37.66 0.20 27.62
N ALA C 23 38.16 0.32 28.85
CA ALA C 23 39.09 1.39 29.18
C ALA C 23 40.47 1.14 28.60
N ASN C 24 40.95 -0.11 28.69
CA ASN C 24 42.28 -0.45 28.20
C ASN C 24 42.20 -0.77 26.70
N ILE C 25 41.98 0.29 25.92
CA ILE C 25 41.82 0.17 24.48
C ILE C 25 42.79 1.14 23.80
N ASP C 26 43.26 0.74 22.63
CA ASP C 26 44.13 1.60 21.83
C ASP C 26 43.32 2.70 21.17
N ARG C 27 43.79 3.93 21.27
CA ARG C 27 43.06 5.09 20.77
C ARG C 27 43.96 5.96 19.91
N ILE C 28 43.34 6.63 18.95
CA ILE C 28 44.03 7.57 18.07
C ILE C 28 43.41 8.95 18.26
N LYS C 29 44.12 9.97 17.78
CA LYS C 29 43.65 11.33 17.92
C LYS C 29 42.44 11.57 17.02
N VAL C 30 41.63 12.56 17.40
CA VAL C 30 40.48 12.95 16.61
C VAL C 30 40.92 13.53 15.26
N SER C 31 42.06 14.23 15.24
CA SER C 31 42.57 14.79 13.99
C SER C 31 42.88 13.69 12.97
N LYS C 32 43.48 12.59 13.42
CA LYS C 32 43.79 11.50 12.50
C LYS C 32 42.52 10.86 11.95
N ALA C 33 41.51 10.65 12.80
CA ALA C 33 40.26 10.06 12.35
C ALA C 33 39.53 10.96 11.37
N ALA C 34 39.49 12.27 11.66
CA ALA C 34 38.87 13.21 10.75
C ALA C 34 39.61 13.28 9.42
N ALA C 35 40.94 13.26 9.46
CA ALA C 35 41.73 13.24 8.23
C ALA C 35 41.46 11.98 7.42
N ASP C 36 41.34 10.83 8.09
CA ASP C 36 41.04 9.59 7.37
C ASP C 36 39.67 9.64 6.71
N LEU C 37 38.67 10.16 7.44
CA LEU C 37 37.33 10.28 6.86
C LEU C 37 37.32 11.23 5.67
N MET C 38 38.00 12.37 5.79
CA MET C 38 38.09 13.32 4.68
C MET C 38 38.81 12.70 3.49
N ALA C 39 39.87 11.93 3.75
CA ALA C 39 40.60 11.28 2.66
C ALA C 39 39.72 10.25 1.96
N TYR C 40 38.94 9.48 2.71
CA TYR C 40 38.05 8.52 2.08
C TYR C 40 36.99 9.22 1.24
N CYS C 41 36.44 10.33 1.75
CA CYS C 41 35.43 11.05 0.99
C CYS C 41 36.01 11.69 -0.26
N GLU C 42 37.26 12.16 -0.19
CA GLU C 42 37.88 12.76 -1.37
C GLU C 42 38.28 11.71 -2.39
N ALA C 43 38.70 10.54 -1.95
CA ALA C 43 39.18 9.50 -2.86
C ALA C 43 38.06 8.78 -3.60
N HIS C 44 36.81 8.94 -3.17
CA HIS C 44 35.67 8.27 -3.80
C HIS C 44 34.62 9.26 -4.28
N ALA C 45 34.97 10.55 -4.36
CA ALA C 45 34.00 11.56 -4.78
C ALA C 45 33.61 11.39 -6.24
N LYS C 46 34.53 10.92 -7.09
CA LYS C 46 34.22 10.76 -8.51
C LYS C 46 33.15 9.71 -8.73
N GLU C 47 33.22 8.60 -7.99
CA GLU C 47 32.23 7.52 -8.11
C GLU C 47 31.10 7.68 -7.10
N ASP C 48 30.50 8.87 -7.08
CA ASP C 48 29.36 9.16 -6.20
C ASP C 48 28.27 9.84 -7.04
N PRO C 49 27.33 9.06 -7.58
CA PRO C 49 26.28 9.65 -8.41
C PRO C 49 25.40 10.65 -7.69
N LEU C 50 25.26 10.53 -6.36
CA LEU C 50 24.41 11.43 -5.62
C LEU C 50 25.02 12.82 -5.47
N LEU C 51 26.35 12.91 -5.49
CA LEU C 51 27.02 14.20 -5.31
C LEU C 51 27.03 15.00 -6.60
N THR C 52 27.72 14.50 -7.61
CA THR C 52 27.87 15.17 -8.90
C THR C 52 26.67 14.88 -9.80
N PRO C 53 26.35 15.80 -10.72
CA PRO C 53 25.29 15.52 -11.69
C PRO C 53 25.63 14.32 -12.56
N VAL C 54 24.63 13.55 -12.90
CA VAL C 54 24.77 12.32 -13.67
C VAL C 54 24.12 12.52 -15.03
N PRO C 55 24.76 12.11 -16.13
CA PRO C 55 24.12 12.21 -17.44
C PRO C 55 22.88 11.32 -17.52
N ALA C 56 21.92 11.74 -18.34
CA ALA C 56 20.67 11.00 -18.46
C ALA C 56 20.88 9.63 -19.09
N SER C 57 21.89 9.48 -19.94
CA SER C 57 22.16 8.19 -20.55
C SER C 57 22.62 7.16 -19.51
N GLU C 58 23.49 7.58 -18.58
CA GLU C 58 23.99 6.67 -17.56
C GLU C 58 22.95 6.39 -16.47
N ASN C 59 22.04 7.33 -16.23
CA ASN C 59 21.07 7.16 -15.16
C ASN C 59 19.98 6.18 -15.57
N PRO C 60 19.78 5.08 -14.84
CA PRO C 60 18.71 4.14 -15.20
C PRO C 60 17.33 4.56 -14.75
N PHE C 61 17.20 5.62 -13.95
CA PHE C 61 15.91 6.11 -13.48
C PHE C 61 15.61 7.40 -14.21
N ARG C 62 14.92 7.29 -15.35
CA ARG C 62 14.57 8.45 -16.15
C ARG C 62 13.06 8.72 -16.10
N GLU D 3 28.96 -4.46 49.43
CA GLU D 3 30.01 -3.92 48.58
C GLU D 3 29.42 -3.22 47.35
N LEU D 4 28.11 -2.99 47.38
CA LEU D 4 27.45 -2.32 46.27
C LEU D 4 27.95 -0.90 46.09
N ASP D 5 28.11 -0.17 47.21
CA ASP D 5 28.63 1.19 47.14
C ASP D 5 30.06 1.21 46.62
N GLN D 6 30.89 0.27 47.06
CA GLN D 6 32.26 0.20 46.58
C GLN D 6 32.32 -0.11 45.10
N LEU D 7 31.47 -1.03 44.64
CA LEU D 7 31.44 -1.37 43.21
C LEU D 7 30.94 -0.19 42.39
N ARG D 8 29.95 0.56 42.90
CA ARG D 8 29.48 1.75 42.20
C ARG D 8 30.58 2.81 42.13
N GLN D 9 31.34 2.97 43.21
CA GLN D 9 32.45 3.92 43.19
C GLN D 9 33.52 3.49 42.19
N GLU D 10 33.80 2.19 42.12
CA GLU D 10 34.77 1.69 41.14
C GLU D 10 34.29 1.93 39.72
N ALA D 11 33.00 1.70 39.46
CA ALA D 11 32.44 1.96 38.14
C ALA D 11 32.52 3.45 37.79
N GLU D 12 32.23 4.31 38.76
CA GLU D 12 32.33 5.75 38.53
C GLU D 12 33.78 6.17 38.24
N GLN D 13 34.74 5.58 38.96
CA GLN D 13 36.14 5.88 38.71
C GLN D 13 36.57 5.41 37.32
N LEU D 14 36.10 4.23 36.91
CA LEU D 14 36.41 3.75 35.57
C LEU D 14 35.79 4.65 34.50
N LYS D 15 34.56 5.10 34.74
CA LYS D 15 33.92 6.02 33.79
C LYS D 15 34.69 7.34 33.70
N ASN D 16 35.15 7.85 34.85
CA ASN D 16 35.94 9.08 34.84
C ASN D 16 37.26 8.88 34.11
N GLN D 17 37.90 7.72 34.29
CA GLN D 17 39.13 7.43 33.57
C GLN D 17 38.89 7.38 32.06
N ILE D 18 37.80 6.74 31.64
CA ILE D 18 37.47 6.68 30.21
C ILE D 18 37.19 8.07 29.66
N ARG D 19 36.48 8.90 30.43
CA ARG D 19 36.21 10.27 30.01
C ARG D 19 37.50 11.08 29.89
N ASP D 20 38.42 10.91 30.84
CA ASP D 20 39.69 11.61 30.78
C ASP D 20 40.51 11.17 29.57
N ALA D 21 40.52 9.87 29.27
CA ALA D 21 41.22 9.39 28.08
C ALA D 21 40.61 9.95 26.80
N ARG D 22 39.27 9.99 26.74
CA ARG D 22 38.59 10.54 25.58
C ARG D 22 38.90 12.02 25.41
N LYS D 23 38.93 12.77 26.51
CA LYS D 23 39.28 14.19 26.43
C LYS D 23 40.73 14.37 26.01
N ALA D 24 41.62 13.51 26.47
CA ALA D 24 43.03 13.62 26.10
C ALA D 24 43.27 13.27 24.65
N CYS D 25 42.45 12.39 24.08
CA CYS D 25 42.64 12.00 22.68
C CYS D 25 42.16 13.05 21.69
N ALA D 26 41.48 14.10 22.15
CA ALA D 26 40.95 15.13 21.26
C ALA D 26 41.91 16.31 21.22
N ASP D 27 42.35 16.67 20.02
CA ASP D 27 43.23 17.83 19.82
C ASP D 27 42.59 18.90 18.96
N ALA D 28 42.03 18.52 17.81
CA ALA D 28 41.33 19.45 16.93
C ALA D 28 40.05 18.79 16.45
N THR D 29 38.97 19.56 16.46
CA THR D 29 37.66 19.02 16.09
C THR D 29 37.58 18.79 14.58
N LEU D 30 36.60 17.98 14.18
CA LEU D 30 36.42 17.68 12.77
C LEU D 30 36.04 18.92 11.98
N SER D 31 35.19 19.77 12.54
CA SER D 31 34.81 21.00 11.86
C SER D 31 36.00 21.94 11.70
N GLN D 32 36.91 21.96 12.68
CA GLN D 32 38.06 22.84 12.62
C GLN D 32 38.95 22.52 11.44
N ILE D 33 39.14 21.24 11.13
CA ILE D 33 40.02 20.82 10.05
C ILE D 33 39.25 20.42 8.79
N THR D 34 37.94 20.62 8.77
CA THR D 34 37.18 20.53 7.54
C THR D 34 36.55 21.85 7.11
N ASN D 35 36.78 22.93 7.85
CA ASN D 35 36.32 24.24 7.43
C ASN D 35 37.00 24.73 6.15
N ASN D 36 38.11 24.09 5.75
CA ASN D 36 38.85 24.49 4.57
C ASN D 36 38.56 23.61 3.37
N ILE D 37 37.55 22.74 3.45
CA ILE D 37 37.19 21.87 2.35
C ILE D 37 36.07 22.54 1.56
N ASP D 38 35.95 22.17 0.29
CA ASP D 38 34.96 22.78 -0.58
C ASP D 38 33.58 22.19 -0.29
N PRO D 39 32.59 23.02 0.05
CA PRO D 39 31.24 22.51 0.28
C PRO D 39 30.47 22.33 -1.01
N VAL D 40 29.41 21.53 -0.94
CA VAL D 40 28.43 21.39 -2.00
C VAL D 40 27.25 22.29 -1.65
N GLY D 41 26.88 23.17 -2.57
CA GLY D 41 25.89 24.19 -2.29
C GLY D 41 24.50 23.66 -2.00
N ARG D 42 23.86 23.08 -3.01
CA ARG D 42 22.52 22.52 -2.86
C ARG D 42 22.43 21.23 -3.66
N ILE D 43 21.58 20.32 -3.19
CA ILE D 43 21.37 19.03 -3.84
C ILE D 43 19.88 18.89 -4.09
N GLN D 44 19.47 19.02 -5.35
CA GLN D 44 18.07 18.93 -5.75
C GLN D 44 17.84 17.56 -6.37
N MET D 45 17.27 16.65 -5.59
CA MET D 45 16.93 15.32 -6.07
C MET D 45 15.43 15.24 -6.31
N ARG D 46 15.06 14.85 -7.52
CA ARG D 46 13.66 14.72 -7.90
C ARG D 46 13.23 13.26 -7.79
N THR D 47 11.92 13.06 -7.63
CA THR D 47 11.37 11.72 -7.54
C THR D 47 11.31 11.11 -8.94
N ARG D 48 11.97 9.97 -9.11
CA ARG D 48 11.99 9.29 -10.40
C ARG D 48 10.89 8.24 -10.51
N ARG D 49 10.67 7.49 -9.43
CA ARG D 49 9.62 6.47 -9.39
C ARG D 49 8.79 6.65 -8.14
N THR D 50 7.50 6.33 -8.26
CA THR D 50 6.60 6.24 -7.12
C THR D 50 5.99 4.85 -7.13
N LEU D 51 6.30 4.07 -6.10
CA LEU D 51 5.91 2.66 -6.03
C LEU D 51 4.62 2.57 -5.23
N ARG D 52 3.53 2.29 -5.92
CA ARG D 52 2.21 2.18 -5.31
C ARG D 52 1.77 0.73 -5.24
N GLY D 53 0.89 0.44 -4.29
CA GLY D 53 0.38 -0.90 -4.10
C GLY D 53 0.16 -1.26 -2.65
N HIS D 54 0.91 -0.63 -1.76
CA HIS D 54 0.72 -0.83 -0.33
C HIS D 54 -0.51 -0.08 0.14
N LEU D 55 -1.25 -0.69 1.07
CA LEU D 55 -2.49 -0.11 1.58
C LEU D 55 -2.41 0.20 3.07
N ALA D 56 -1.20 0.30 3.62
CA ALA D 56 -1.02 0.56 5.04
C ALA D 56 0.34 1.22 5.22
N LYS D 57 0.74 1.41 6.47
CA LYS D 57 1.96 2.14 6.79
C LYS D 57 3.19 1.30 6.50
N ILE D 58 4.14 1.87 5.77
CA ILE D 58 5.41 1.22 5.46
C ILE D 58 6.38 1.47 6.60
N TYR D 59 6.97 0.40 7.14
CA TYR D 59 7.93 0.51 8.23
C TYR D 59 9.36 0.26 7.82
N ALA D 60 9.62 -0.65 6.89
CA ALA D 60 10.98 -0.97 6.51
C ALA D 60 11.05 -1.28 5.02
N MET D 61 12.24 -1.08 4.45
CA MET D 61 12.53 -1.53 3.10
C MET D 61 14.03 -1.75 3.00
N HIS D 62 14.43 -2.65 2.10
CA HIS D 62 15.84 -2.97 1.92
C HIS D 62 16.14 -3.15 0.45
N TRP D 63 17.24 -2.56 -0.02
CA TRP D 63 17.71 -2.78 -1.37
C TRP D 63 18.36 -4.15 -1.50
N GLY D 64 18.46 -4.62 -2.74
CA GLY D 64 19.25 -5.80 -3.05
C GLY D 64 20.67 -5.44 -3.40
N THR D 65 21.47 -6.48 -3.64
CA THR D 65 22.87 -6.27 -4.03
C THR D 65 22.97 -5.71 -5.45
N ASP D 66 22.08 -6.14 -6.35
CA ASP D 66 22.13 -5.72 -7.74
C ASP D 66 21.69 -4.28 -7.95
N SER D 67 21.23 -3.60 -6.90
CA SER D 67 20.77 -2.21 -6.94
C SER D 67 19.57 -2.01 -7.87
N ARG D 68 18.82 -3.07 -8.11
CA ARG D 68 17.61 -3.03 -8.93
C ARG D 68 16.41 -3.61 -8.21
N LEU D 69 16.59 -4.66 -7.41
CA LEU D 69 15.51 -5.26 -6.64
C LEU D 69 15.48 -4.66 -5.25
N LEU D 70 14.26 -4.55 -4.70
CA LEU D 70 14.10 -4.09 -3.33
C LEU D 70 12.84 -4.72 -2.74
N VAL D 71 12.83 -4.83 -1.42
CA VAL D 71 11.74 -5.44 -0.68
C VAL D 71 11.20 -4.41 0.30
N SER D 72 9.88 -4.37 0.47
CA SER D 72 9.23 -3.46 1.38
C SER D 72 8.21 -4.19 2.23
N ALA D 73 8.04 -3.73 3.46
CA ALA D 73 7.12 -4.33 4.43
C ALA D 73 6.16 -3.28 4.94
N SER D 74 4.88 -3.65 5.05
CA SER D 74 3.86 -2.74 5.51
C SER D 74 2.93 -3.44 6.48
N GLN D 75 2.03 -2.66 7.09
CA GLN D 75 1.06 -3.20 8.03
C GLN D 75 -0.05 -4.00 7.36
N ASP D 76 -0.13 -3.97 6.03
CA ASP D 76 -1.13 -4.76 5.32
C ASP D 76 -0.82 -6.25 5.35
N GLY D 77 0.34 -6.65 5.85
CA GLY D 77 0.72 -8.04 5.90
C GLY D 77 1.40 -8.55 4.65
N LYS D 78 1.97 -7.67 3.84
CA LYS D 78 2.55 -8.04 2.56
C LYS D 78 4.01 -7.67 2.51
N LEU D 79 4.82 -8.59 2.01
CA LEU D 79 6.23 -8.36 1.67
C LEU D 79 6.31 -8.33 0.15
N ILE D 80 6.50 -7.14 -0.41
CA ILE D 80 6.49 -6.94 -1.85
C ILE D 80 7.92 -6.74 -2.34
N ILE D 81 8.30 -7.52 -3.34
CA ILE D 81 9.57 -7.32 -4.05
C ILE D 81 9.29 -6.47 -5.28
N TRP D 82 10.01 -5.37 -5.43
CA TRP D 82 9.81 -4.45 -6.53
C TRP D 82 10.98 -4.52 -7.50
N ASP D 83 10.68 -4.40 -8.79
CA ASP D 83 11.68 -4.15 -9.82
C ASP D 83 11.70 -2.65 -10.04
N SER D 84 12.63 -1.97 -9.36
CA SER D 84 12.62 -0.50 -9.32
C SER D 84 12.86 0.14 -10.67
N TYR D 85 13.49 -0.57 -11.61
CA TYR D 85 13.77 0.02 -12.90
C TYR D 85 12.50 0.22 -13.74
N THR D 86 11.54 -0.70 -13.62
CA THR D 86 10.28 -0.60 -14.35
C THR D 86 9.08 -0.45 -13.42
N THR D 87 9.30 -0.24 -12.12
CA THR D 87 8.25 -0.16 -11.10
C THR D 87 7.39 -1.43 -11.12
N ASN D 88 8.01 -2.55 -11.49
CA ASN D 88 7.31 -3.83 -11.58
C ASN D 88 7.38 -4.54 -10.23
N LYS D 89 6.34 -5.30 -9.94
CA LYS D 89 6.26 -6.09 -8.73
C LYS D 89 6.60 -7.54 -9.05
N VAL D 90 7.67 -8.04 -8.45
CA VAL D 90 8.13 -9.39 -8.73
C VAL D 90 7.40 -10.42 -7.88
N HIS D 91 7.34 -10.20 -6.57
CA HIS D 91 6.66 -11.08 -5.65
C HIS D 91 5.82 -10.27 -4.68
N ALA D 92 4.77 -10.91 -4.15
CA ALA D 92 3.94 -10.34 -3.09
C ALA D 92 3.75 -11.44 -2.06
N ILE D 93 4.51 -11.35 -0.96
CA ILE D 93 4.57 -12.42 0.04
C ILE D 93 3.60 -12.06 1.17
N PRO D 94 2.55 -12.85 1.39
CA PRO D 94 1.74 -12.68 2.60
C PRO D 94 2.53 -13.01 3.85
N LEU D 95 2.21 -12.33 4.93
CA LEU D 95 2.85 -12.55 6.22
C LEU D 95 1.85 -13.18 7.19
N ARG D 96 2.32 -14.12 8.00
CA ARG D 96 1.46 -14.72 9.02
C ARG D 96 1.02 -13.68 10.04
N SER D 97 1.91 -12.78 10.42
CA SER D 97 1.61 -11.67 11.30
C SER D 97 1.78 -10.37 10.53
N SER D 98 0.77 -9.51 10.58
CA SER D 98 0.82 -8.23 9.86
C SER D 98 1.58 -7.16 10.62
N TRP D 99 2.00 -7.44 11.85
CA TRP D 99 2.68 -6.44 12.70
C TRP D 99 4.19 -6.50 12.49
N VAL D 100 4.58 -6.37 11.24
CA VAL D 100 5.98 -6.37 10.86
C VAL D 100 6.60 -5.01 11.15
N MET D 101 7.87 -5.00 11.51
CA MET D 101 8.58 -3.76 11.76
C MET D 101 9.95 -3.70 11.10
N THR D 102 10.44 -4.79 10.51
CA THR D 102 11.72 -4.79 9.84
C THR D 102 11.69 -5.79 8.70
N CYS D 103 12.59 -5.58 7.74
CA CYS D 103 12.73 -6.48 6.60
C CYS D 103 14.15 -6.37 6.06
N ALA D 104 14.61 -7.44 5.43
CA ALA D 104 15.98 -7.49 4.94
C ALA D 104 16.05 -8.31 3.67
N TYR D 105 17.09 -8.04 2.88
CA TYR D 105 17.37 -8.75 1.65
C TYR D 105 18.71 -9.47 1.79
N ALA D 106 18.71 -10.77 1.51
CA ALA D 106 19.97 -11.52 1.55
C ALA D 106 20.88 -11.03 0.42
N PRO D 107 22.19 -10.97 0.66
CA PRO D 107 23.11 -10.52 -0.40
C PRO D 107 23.09 -11.42 -1.63
N SER D 108 22.84 -12.71 -1.45
CA SER D 108 22.72 -13.62 -2.58
C SER D 108 21.43 -13.42 -3.35
N GLY D 109 20.46 -12.69 -2.81
CA GLY D 109 19.20 -12.48 -3.48
C GLY D 109 18.24 -13.64 -3.43
N ASN D 110 18.52 -14.66 -2.61
CA ASN D 110 17.67 -15.84 -2.53
C ASN D 110 16.69 -15.80 -1.37
N TYR D 111 16.91 -14.95 -0.37
CA TYR D 111 16.09 -14.94 0.83
C TYR D 111 15.71 -13.52 1.21
N VAL D 112 14.53 -13.39 1.81
CA VAL D 112 14.06 -12.15 2.41
C VAL D 112 13.59 -12.47 3.83
N ALA D 113 13.96 -11.61 4.77
CA ALA D 113 13.60 -11.80 6.17
C ALA D 113 12.66 -10.69 6.63
N CYS D 114 11.85 -10.99 7.64
CA CYS D 114 10.98 -9.99 8.24
C CYS D 114 10.66 -10.43 9.67
N GLY D 115 10.25 -9.45 10.48
CA GLY D 115 9.89 -9.71 11.85
C GLY D 115 9.27 -8.48 12.47
N GLY D 116 8.72 -8.68 13.67
CA GLY D 116 8.04 -7.59 14.35
C GLY D 116 7.49 -7.96 15.72
N LEU D 117 6.24 -7.58 15.98
CA LEU D 117 5.62 -7.80 17.28
C LEU D 117 5.38 -9.26 17.60
N ASP D 118 5.52 -10.15 16.62
CA ASP D 118 5.36 -11.59 16.86
C ASP D 118 6.59 -12.23 17.49
N ASN D 119 7.68 -11.48 17.66
CA ASN D 119 8.94 -11.96 18.22
C ASN D 119 9.50 -13.15 17.43
N ILE D 120 9.29 -13.15 16.11
CA ILE D 120 9.79 -14.20 15.25
C ILE D 120 10.41 -13.57 14.01
N CYS D 121 11.62 -14.00 13.65
CA CYS D 121 12.27 -13.59 12.41
C CYS D 121 12.05 -14.69 11.38
N SER D 122 11.19 -14.43 10.40
CA SER D 122 10.86 -15.40 9.38
C SER D 122 11.79 -15.24 8.18
N ILE D 123 12.19 -16.37 7.59
CA ILE D 123 13.05 -16.40 6.41
C ILE D 123 12.26 -17.01 5.27
N TYR D 124 12.24 -16.33 4.13
CA TYR D 124 11.47 -16.75 2.97
C TYR D 124 12.39 -17.12 1.82
N ASN D 125 12.00 -18.15 1.06
CA ASN D 125 12.78 -18.65 -0.06
C ASN D 125 12.22 -18.09 -1.35
N LEU D 126 12.97 -17.17 -1.98
CA LEU D 126 12.52 -16.60 -3.25
C LEU D 126 12.71 -17.58 -4.39
N LYS D 127 13.82 -18.30 -4.42
CA LYS D 127 14.11 -19.26 -5.47
C LYS D 127 13.59 -20.64 -5.05
N THR D 128 12.68 -21.19 -5.85
CA THR D 128 12.01 -22.44 -5.51
C THR D 128 11.61 -23.11 -6.81
N ARG D 129 11.62 -24.45 -6.82
CA ARG D 129 11.20 -25.19 -8.00
C ARG D 129 9.75 -24.86 -8.37
N GLU D 130 8.88 -24.79 -7.38
CA GLU D 130 7.54 -24.26 -7.60
C GLU D 130 7.60 -22.74 -7.74
N GLY D 131 6.53 -22.17 -8.27
CA GLY D 131 6.52 -20.75 -8.54
C GLY D 131 6.22 -19.84 -7.37
N ASN D 132 6.00 -20.40 -6.19
CA ASN D 132 5.60 -19.62 -5.02
C ASN D 132 6.77 -19.41 -4.08
N VAL D 133 6.77 -18.27 -3.39
CA VAL D 133 7.75 -17.99 -2.35
C VAL D 133 7.32 -18.70 -1.07
N ARG D 134 8.21 -19.51 -0.51
CA ARG D 134 7.93 -20.31 0.66
C ARG D 134 8.79 -19.84 1.83
N VAL D 135 8.23 -19.95 3.03
CA VAL D 135 8.97 -19.58 4.24
C VAL D 135 9.94 -20.70 4.58
N SER D 136 11.22 -20.35 4.71
CA SER D 136 12.23 -21.35 5.02
C SER D 136 12.08 -21.87 6.43
N ARG D 137 12.21 -20.99 7.43
CA ARG D 137 11.97 -21.36 8.81
C ARG D 137 11.69 -20.11 9.61
N GLU D 138 11.15 -20.31 10.81
CA GLU D 138 10.87 -19.25 11.76
C GLU D 138 11.90 -19.31 12.88
N LEU D 139 12.52 -18.17 13.17
CA LEU D 139 13.52 -18.07 14.23
C LEU D 139 12.86 -17.51 15.48
N ALA D 140 12.83 -18.31 16.54
CA ALA D 140 12.21 -17.92 17.80
C ALA D 140 13.24 -17.97 18.92
N GLY D 141 13.03 -17.13 19.93
CA GLY D 141 13.95 -17.03 21.05
C GLY D 141 14.08 -15.64 21.61
N HIS D 142 13.71 -14.64 20.82
CA HIS D 142 13.65 -13.27 21.34
C HIS D 142 12.40 -13.10 22.21
N THR D 143 12.55 -12.35 23.30
CA THR D 143 11.45 -12.08 24.20
C THR D 143 10.84 -10.70 23.99
N GLY D 144 11.24 -10.01 22.92
CA GLY D 144 10.65 -8.74 22.56
C GLY D 144 10.50 -8.62 21.05
N TYR D 145 9.95 -7.49 20.62
CA TYR D 145 9.76 -7.24 19.20
C TYR D 145 11.11 -7.13 18.50
N LEU D 146 11.16 -7.60 17.25
CA LEU D 146 12.34 -7.43 16.41
C LEU D 146 12.27 -6.08 15.72
N SER D 147 13.29 -5.24 15.95
CA SER D 147 13.35 -3.92 15.35
C SER D 147 14.23 -3.87 14.12
N CYS D 148 15.22 -4.75 13.99
CA CYS D 148 16.08 -4.78 12.82
C CYS D 148 16.64 -6.18 12.66
N CYS D 149 17.01 -6.50 11.42
CA CYS D 149 17.65 -7.76 11.08
C CYS D 149 18.47 -7.58 9.82
N ARG D 150 19.66 -8.17 9.81
CA ARG D 150 20.58 -8.05 8.68
C ARG D 150 21.22 -9.39 8.40
N PHE D 151 21.39 -9.71 7.13
CA PHE D 151 22.02 -10.97 6.73
C PHE D 151 23.53 -10.82 6.70
N LEU D 152 24.23 -11.80 7.29
CA LEU D 152 25.66 -11.94 7.10
C LEU D 152 25.97 -12.74 5.85
N ASP D 153 25.32 -13.89 5.71
CA ASP D 153 25.38 -14.71 4.50
C ASP D 153 24.06 -15.44 4.38
N ASP D 154 24.02 -16.50 3.58
CA ASP D 154 22.80 -17.28 3.44
C ASP D 154 22.46 -18.07 4.70
N ASN D 155 23.42 -18.27 5.60
CA ASN D 155 23.21 -19.10 6.78
C ASN D 155 23.30 -18.35 8.09
N GLN D 156 23.70 -17.08 8.08
CA GLN D 156 23.84 -16.31 9.31
C GLN D 156 23.04 -15.01 9.18
N ILE D 157 22.23 -14.72 10.20
CA ILE D 157 21.48 -13.47 10.27
C ILE D 157 21.60 -12.92 11.69
N VAL D 158 21.76 -11.60 11.78
CA VAL D 158 21.86 -10.91 13.07
C VAL D 158 20.57 -10.15 13.30
N THR D 159 20.08 -10.18 14.54
CA THR D 159 18.80 -9.60 14.89
C THR D 159 18.95 -8.71 16.12
N SER D 160 18.14 -7.66 16.17
CA SER D 160 18.04 -6.78 17.33
C SER D 160 16.60 -6.79 17.83
N SER D 161 16.44 -6.82 19.14
CA SER D 161 15.12 -6.98 19.73
C SER D 161 14.89 -5.95 20.83
N GLY D 162 13.63 -5.86 21.27
CA GLY D 162 13.22 -5.00 22.36
C GLY D 162 13.48 -5.57 23.74
N ASP D 163 14.06 -6.75 23.84
CA ASP D 163 14.46 -7.34 25.10
C ASP D 163 15.88 -6.94 25.51
N THR D 164 16.38 -5.82 24.99
CA THR D 164 17.73 -5.31 25.28
C THR D 164 18.81 -6.33 24.92
N THR D 165 18.61 -7.03 23.79
CA THR D 165 19.52 -8.10 23.42
C THR D 165 19.54 -8.26 21.91
N CYS D 166 20.74 -8.28 21.34
CA CYS D 166 20.96 -8.66 19.95
C CYS D 166 21.37 -10.13 19.89
N ALA D 167 21.08 -10.77 18.76
CA ALA D 167 21.32 -12.20 18.62
C ALA D 167 21.86 -12.50 17.24
N LEU D 168 22.67 -13.57 17.16
CA LEU D 168 23.16 -14.11 15.90
C LEU D 168 22.62 -15.52 15.75
N TRP D 169 21.98 -15.80 14.62
CA TRP D 169 21.29 -17.05 14.39
C TRP D 169 22.01 -17.89 13.34
N ASP D 170 21.64 -19.17 13.29
CA ASP D 170 22.11 -20.11 12.28
C ASP D 170 20.89 -20.64 11.55
N ILE D 171 20.69 -20.20 10.31
CA ILE D 171 19.49 -20.57 9.56
C ILE D 171 19.50 -22.05 9.18
N GLU D 172 20.65 -22.71 9.21
CA GLU D 172 20.67 -24.15 8.95
C GLU D 172 19.91 -24.91 10.03
N THR D 173 20.08 -24.52 11.30
CA THR D 173 19.46 -25.23 12.41
C THR D 173 18.49 -24.38 13.22
N GLY D 174 18.39 -23.08 12.95
CA GLY D 174 17.47 -22.23 13.69
C GLY D 174 17.82 -22.06 15.15
N GLN D 175 19.09 -21.85 15.46
CA GLN D 175 19.58 -21.79 16.83
C GLN D 175 20.36 -20.51 17.05
N GLN D 176 20.48 -20.14 18.32
CA GLN D 176 21.25 -18.97 18.73
C GLN D 176 22.72 -19.32 18.78
N THR D 177 23.48 -18.87 17.77
CA THR D 177 24.93 -19.07 17.81
C THR D 177 25.57 -18.20 18.87
N THR D 178 25.21 -16.93 18.92
CA THR D 178 25.77 -15.98 19.89
C THR D 178 24.71 -14.97 20.27
N THR D 179 24.62 -14.67 21.56
CA THR D 179 23.71 -13.65 22.08
C THR D 179 24.53 -12.49 22.64
N PHE D 180 24.04 -11.27 22.41
CA PHE D 180 24.72 -10.05 22.81
C PHE D 180 23.91 -9.36 23.89
N THR D 181 24.56 -9.05 25.01
CA THR D 181 23.90 -8.44 26.15
C THR D 181 24.72 -7.23 26.62
N GLY D 182 24.04 -6.28 27.25
CA GLY D 182 24.72 -5.09 27.73
C GLY D 182 23.89 -3.82 27.64
N HIS D 183 22.93 -3.79 26.72
CA HIS D 183 22.03 -2.65 26.63
C HIS D 183 21.04 -2.67 27.79
N THR D 184 20.71 -1.49 28.30
CA THR D 184 19.68 -1.34 29.31
C THR D 184 18.36 -0.86 28.73
N GLY D 185 18.31 -0.60 27.41
CA GLY D 185 17.09 -0.22 26.76
C GLY D 185 16.87 -1.05 25.50
N ASP D 186 15.68 -0.89 24.93
CA ASP D 186 15.31 -1.66 23.75
C ASP D 186 16.17 -1.27 22.55
N VAL D 187 16.86 -2.26 21.98
CA VAL D 187 17.65 -2.03 20.78
C VAL D 187 16.72 -1.78 19.61
N MET D 188 17.00 -0.73 18.84
CA MET D 188 16.12 -0.33 17.76
C MET D 188 16.73 -0.42 16.36
N SER D 189 18.05 -0.39 16.24
CA SER D 189 18.66 -0.36 14.91
C SER D 189 19.93 -1.20 14.89
N LEU D 190 20.28 -1.67 13.70
CA LEU D 190 21.46 -2.49 13.47
C LEU D 190 22.22 -1.91 12.28
N SER D 191 23.52 -2.17 12.24
CA SER D 191 24.34 -1.76 11.10
C SER D 191 25.54 -2.70 11.02
N LEU D 192 25.52 -3.59 10.03
CA LEU D 192 26.64 -4.47 9.81
C LEU D 192 27.80 -3.70 9.20
N ALA D 193 29.02 -4.05 9.60
CA ALA D 193 30.20 -3.43 9.04
C ALA D 193 30.41 -3.89 7.60
N PRO D 194 31.14 -3.11 6.80
CA PRO D 194 31.43 -3.54 5.42
C PRO D 194 32.15 -4.88 5.33
N ASP D 195 33.02 -5.20 6.29
CA ASP D 195 33.70 -6.49 6.28
C ASP D 195 32.93 -7.57 7.02
N THR D 196 31.74 -7.25 7.56
CA THR D 196 30.86 -8.18 8.27
C THR D 196 31.56 -8.90 9.42
N ARG D 197 32.49 -8.20 10.08
CA ARG D 197 33.15 -8.74 11.26
C ARG D 197 32.69 -8.08 12.55
N LEU D 198 32.23 -6.83 12.48
CA LEU D 198 31.66 -6.12 13.61
C LEU D 198 30.29 -5.60 13.23
N PHE D 199 29.55 -5.12 14.23
CA PHE D 199 28.29 -4.44 13.98
C PHE D 199 27.96 -3.55 15.18
N VAL D 200 27.31 -2.42 14.88
CA VAL D 200 26.91 -1.46 15.90
C VAL D 200 25.40 -1.55 16.09
N SER D 201 24.96 -1.23 17.30
CA SER D 201 23.53 -1.23 17.63
C SER D 201 23.23 -0.05 18.54
N GLY D 202 22.17 0.68 18.23
CA GLY D 202 21.69 1.78 19.06
C GLY D 202 20.40 1.37 19.74
N ALA D 203 20.30 1.68 21.03
CA ALA D 203 19.17 1.23 21.83
C ALA D 203 18.46 2.41 22.47
N CYS D 204 17.49 2.09 23.33
CA CYS D 204 16.69 3.10 24.01
C CYS D 204 17.40 3.72 25.20
N ASP D 205 18.59 3.24 25.55
CA ASP D 205 19.38 3.81 26.63
C ASP D 205 20.24 4.98 26.19
N ALA D 206 19.98 5.54 25.01
CA ALA D 206 20.76 6.63 24.43
C ALA D 206 22.23 6.25 24.31
N SER D 207 22.50 4.99 23.96
CA SER D 207 23.86 4.51 23.83
C SER D 207 23.96 3.60 22.61
N ALA D 208 25.12 3.65 21.96
CA ALA D 208 25.44 2.80 20.82
C ALA D 208 26.63 1.92 21.20
N LYS D 209 26.52 0.62 20.93
CA LYS D 209 27.54 -0.35 21.32
C LYS D 209 28.11 -1.03 20.08
N LEU D 210 29.43 -1.05 19.99
CA LEU D 210 30.12 -1.77 18.93
C LEU D 210 30.43 -3.19 19.41
N TRP D 211 30.00 -4.17 18.63
CA TRP D 211 30.11 -5.57 19.02
C TRP D 211 31.09 -6.31 18.11
N ASP D 212 31.51 -7.48 18.57
CA ASP D 212 32.32 -8.41 17.80
C ASP D 212 31.47 -9.63 17.48
N VAL D 213 31.32 -9.93 16.19
CA VAL D 213 30.44 -11.02 15.76
C VAL D 213 31.02 -12.36 16.17
N ARG D 214 32.32 -12.57 15.91
CA ARG D 214 32.92 -13.89 16.14
C ARG D 214 33.09 -14.16 17.64
N GLU D 215 33.59 -13.17 18.39
CA GLU D 215 33.89 -13.40 19.79
C GLU D 215 32.70 -13.18 20.71
N GLY D 216 31.84 -12.21 20.39
CA GLY D 216 30.60 -12.05 21.11
C GLY D 216 30.61 -11.08 22.27
N MET D 217 31.61 -10.21 22.38
CA MET D 217 31.65 -9.23 23.45
C MET D 217 31.45 -7.83 22.88
N CYS D 218 31.24 -6.88 23.78
CA CYS D 218 31.10 -5.48 23.42
C CYS D 218 32.48 -4.82 23.51
N ARG D 219 32.87 -4.12 22.44
CA ARG D 219 34.18 -3.52 22.39
C ARG D 219 34.18 -2.06 22.83
N GLN D 220 33.16 -1.30 22.43
CA GLN D 220 33.08 0.12 22.76
C GLN D 220 31.63 0.49 23.02
N THR D 221 31.45 1.55 23.81
CA THR D 221 30.13 2.08 24.12
C THR D 221 30.16 3.60 23.96
N PHE D 222 29.23 4.12 23.18
CA PHE D 222 29.19 5.53 22.80
C PHE D 222 27.96 6.18 23.40
N THR D 223 28.16 7.26 24.15
CA THR D 223 27.10 7.91 24.92
C THR D 223 27.17 9.42 24.70
N GLY D 224 26.41 9.91 23.73
CA GLY D 224 26.27 11.34 23.55
C GLY D 224 24.83 11.78 23.44
N HIS D 225 23.94 10.85 23.10
CA HIS D 225 22.56 11.18 22.83
C HIS D 225 21.78 11.40 24.13
N GLU D 226 20.73 12.21 24.04
CA GLU D 226 19.86 12.49 25.16
C GLU D 226 18.53 11.75 25.07
N SER D 227 18.27 11.05 23.97
CA SER D 227 17.02 10.32 23.79
C SER D 227 17.33 8.98 23.15
N ASP D 228 16.29 8.18 22.95
CA ASP D 228 16.47 6.82 22.46
C ASP D 228 16.85 6.80 20.98
N ILE D 229 17.88 6.03 20.65
CA ILE D 229 18.39 5.99 19.28
C ILE D 229 17.49 5.09 18.44
N ASN D 230 16.99 5.64 17.33
CA ASN D 230 16.11 4.92 16.44
C ASN D 230 16.81 4.35 15.22
N ALA D 231 17.86 5.01 14.73
CA ALA D 231 18.53 4.62 13.50
C ALA D 231 20.03 4.61 13.70
N ILE D 232 20.69 3.69 12.99
CA ILE D 232 22.15 3.59 13.02
C ILE D 232 22.61 3.11 11.65
N CYS D 233 23.79 3.55 11.26
CA CYS D 233 24.35 3.18 9.96
C CYS D 233 25.86 3.33 10.01
N PHE D 234 26.56 2.42 9.35
CA PHE D 234 28.01 2.43 9.28
C PHE D 234 28.49 3.32 8.15
N PHE D 235 29.66 3.92 8.36
CA PHE D 235 30.35 4.60 7.27
C PHE D 235 30.82 3.57 6.24
N PRO D 236 30.96 3.98 4.98
CA PRO D 236 31.43 3.03 3.96
C PRO D 236 32.78 2.41 4.26
N ASN D 237 33.68 3.10 4.98
CA ASN D 237 34.97 2.52 5.32
C ASN D 237 34.96 1.69 6.59
N GLY D 238 33.88 1.71 7.37
CA GLY D 238 33.78 0.87 8.55
C GLY D 238 34.51 1.38 9.77
N ASN D 239 35.02 2.60 9.75
CA ASN D 239 35.71 3.18 10.90
C ASN D 239 34.89 4.25 11.60
N ALA D 240 33.63 4.43 11.22
CA ALA D 240 32.75 5.40 11.85
C ALA D 240 31.31 4.97 11.62
N PHE D 241 30.41 5.56 12.41
CA PHE D 241 28.99 5.30 12.24
C PHE D 241 28.20 6.52 12.70
N ALA D 242 26.97 6.61 12.20
CA ALA D 242 26.07 7.72 12.52
C ALA D 242 24.80 7.20 13.16
N THR D 243 24.25 8.00 14.07
CA THR D 243 23.07 7.63 14.83
C THR D 243 21.97 8.68 14.64
N GLY D 244 20.75 8.29 15.02
CA GLY D 244 19.61 9.18 14.98
C GLY D 244 18.62 8.87 16.08
N SER D 245 18.21 9.88 16.83
CA SER D 245 17.34 9.70 17.98
C SER D 245 16.19 10.69 17.92
N ASP D 246 15.35 10.66 18.96
CA ASP D 246 14.22 11.58 19.07
C ASP D 246 14.59 12.91 19.72
N ASP D 247 15.86 13.27 19.72
CA ASP D 247 16.29 14.60 20.13
C ASP D 247 16.55 15.52 18.95
N ALA D 248 16.04 15.14 17.76
CA ALA D 248 16.24 15.90 16.52
C ALA D 248 17.71 16.13 16.23
N THR D 249 18.53 15.10 16.46
CA THR D 249 19.97 15.23 16.38
C THR D 249 20.58 13.97 15.80
N CYS D 250 21.50 14.16 14.86
CA CYS D 250 22.37 13.10 14.36
C CYS D 250 23.79 13.38 14.79
N ARG D 251 24.48 12.36 15.30
CA ARG D 251 25.87 12.49 15.69
C ARG D 251 26.69 11.40 15.02
N LEU D 252 27.89 11.76 14.57
CA LEU D 252 28.81 10.84 13.94
C LEU D 252 29.87 10.43 14.95
N PHE D 253 29.94 9.13 15.23
CA PHE D 253 30.91 8.59 16.17
C PHE D 253 32.06 7.93 15.43
N ASP D 254 33.23 7.92 16.06
CA ASP D 254 34.41 7.29 15.49
C ASP D 254 34.81 6.08 16.32
N LEU D 255 35.16 4.99 15.64
CA LEU D 255 35.53 3.76 16.33
C LEU D 255 36.91 3.86 16.94
N ARG D 256 37.87 4.43 16.21
CA ARG D 256 39.25 4.48 16.70
C ARG D 256 39.45 5.62 17.69
N ALA D 257 38.92 6.81 17.39
CA ALA D 257 39.00 7.92 18.32
C ALA D 257 38.10 7.71 19.53
N ASP D 258 37.13 6.79 19.44
CA ASP D 258 36.29 6.36 20.56
C ASP D 258 35.45 7.50 21.12
N GLN D 259 35.02 8.44 20.28
CA GLN D 259 34.21 9.55 20.74
C GLN D 259 33.43 10.14 19.57
N GLU D 260 32.48 11.01 19.91
CA GLU D 260 31.69 11.71 18.92
C GLU D 260 32.55 12.69 18.13
N LEU D 261 32.26 12.80 16.83
CA LEU D 261 32.99 13.68 15.94
C LEU D 261 32.21 14.93 15.57
N MET D 262 30.99 14.76 15.05
CA MET D 262 30.21 15.87 14.54
C MET D 262 28.75 15.70 14.98
N THR D 263 28.05 16.83 15.10
CA THR D 263 26.65 16.85 15.48
C THR D 263 25.84 17.49 14.35
N TYR D 264 24.76 16.82 13.95
CA TYR D 264 23.88 17.30 12.88
C TYR D 264 22.53 17.66 13.49
N SER D 265 22.34 18.94 13.78
CA SER D 265 21.10 19.41 14.38
C SER D 265 20.80 20.81 13.89
N HIS D 266 19.53 21.19 13.95
CA HIS D 266 19.09 22.52 13.59
C HIS D 266 18.08 23.01 14.61
N ASP D 267 18.00 24.33 14.78
CA ASP D 267 17.08 24.91 15.74
C ASP D 267 15.62 24.66 15.34
N ASN D 268 15.30 24.78 14.05
CA ASN D 268 13.94 24.61 13.59
C ASN D 268 13.52 23.15 13.46
N ILE D 269 14.44 22.22 13.64
CA ILE D 269 14.12 20.79 13.62
C ILE D 269 13.90 20.33 15.05
N ILE D 270 12.69 19.87 15.34
CA ILE D 270 12.37 19.35 16.66
C ILE D 270 11.85 17.92 16.62
N CYS D 271 11.42 17.42 15.47
CA CYS D 271 10.92 16.06 15.36
C CYS D 271 12.08 15.06 15.40
N GLY D 272 11.76 13.83 15.79
CA GLY D 272 12.76 12.79 15.88
C GLY D 272 13.15 12.24 14.53
N ILE D 273 14.22 11.45 14.54
CA ILE D 273 14.77 10.82 13.35
C ILE D 273 14.37 9.35 13.35
N THR D 274 13.76 8.90 12.26
CA THR D 274 13.32 7.51 12.15
C THR D 274 14.31 6.62 11.40
N SER D 275 15.07 7.18 10.46
CA SER D 275 15.99 6.38 9.66
C SER D 275 17.18 7.26 9.26
N VAL D 276 18.28 6.59 8.93
CA VAL D 276 19.51 7.28 8.55
C VAL D 276 20.29 6.39 7.60
N SER D 277 21.03 7.02 6.69
CA SER D 277 21.86 6.29 5.73
C SER D 277 22.96 7.23 5.23
N PHE D 278 23.96 6.63 4.61
CA PHE D 278 25.10 7.35 4.06
C PHE D 278 25.11 7.23 2.54
N SER D 279 25.85 8.13 1.91
CA SER D 279 26.06 8.07 0.47
C SER D 279 27.12 7.04 0.14
N LYS D 280 27.43 6.90 -1.16
CA LYS D 280 28.43 5.93 -1.58
C LYS D 280 29.82 6.33 -1.13
N SER D 281 30.17 7.61 -1.26
CA SER D 281 31.45 8.11 -0.82
C SER D 281 31.47 8.52 0.64
N GLY D 282 30.32 8.48 1.31
CA GLY D 282 30.23 8.89 2.70
C GLY D 282 30.13 10.38 2.91
N ARG D 283 30.05 11.17 1.85
CA ARG D 283 29.98 12.63 1.97
C ARG D 283 28.61 13.10 2.41
N LEU D 284 27.55 12.36 2.07
CA LEU D 284 26.19 12.77 2.38
C LEU D 284 25.59 11.85 3.44
N LEU D 285 24.82 12.44 4.35
CA LEU D 285 24.11 11.71 5.39
C LEU D 285 22.62 12.01 5.23
N LEU D 286 21.87 11.02 4.78
CA LEU D 286 20.43 11.16 4.57
C LEU D 286 19.69 10.64 5.79
N ALA D 287 18.78 11.45 6.32
CA ALA D 287 18.04 11.11 7.52
C ALA D 287 16.56 11.37 7.32
N GLY D 288 15.73 10.43 7.77
CA GLY D 288 14.29 10.55 7.70
C GLY D 288 13.74 11.03 9.03
N TYR D 289 12.83 12.01 8.95
CA TYR D 289 12.29 12.67 10.13
C TYR D 289 10.80 12.44 10.23
N ASP D 290 10.21 12.96 11.31
CA ASP D 290 8.78 12.86 11.54
C ASP D 290 8.01 14.04 10.95
N ASP D 291 8.69 15.02 10.35
CA ASP D 291 8.02 16.14 9.71
C ASP D 291 7.77 15.90 8.23
N PHE D 292 7.59 14.63 7.84
CA PHE D 292 7.26 14.21 6.48
C PHE D 292 8.38 14.56 5.50
N ASN D 293 9.61 14.68 5.98
CA ASN D 293 10.71 15.16 5.17
C ASN D 293 11.95 14.29 5.40
N CYS D 294 12.85 14.34 4.41
CA CYS D 294 14.17 13.74 4.51
C CYS D 294 15.21 14.82 4.25
N ASN D 295 16.11 15.01 5.20
CA ASN D 295 17.12 16.06 5.11
C ASN D 295 18.47 15.44 4.75
N VAL D 296 19.12 16.02 3.75
CA VAL D 296 20.44 15.57 3.31
C VAL D 296 21.48 16.44 4.01
N TRP D 297 22.39 15.81 4.73
CA TRP D 297 23.40 16.50 5.52
C TRP D 297 24.78 16.32 4.90
N ASP D 298 25.57 17.38 4.89
CA ASP D 298 26.99 17.29 4.56
C ASP D 298 27.72 16.76 5.80
N ALA D 299 28.26 15.54 5.68
CA ALA D 299 28.84 14.89 6.86
C ALA D 299 30.05 15.64 7.38
N LEU D 300 30.89 16.14 6.49
CA LEU D 300 32.12 16.82 6.90
C LEU D 300 31.90 18.29 7.28
N LYS D 301 30.71 18.84 7.03
CA LYS D 301 30.45 20.23 7.33
C LYS D 301 29.26 20.48 8.24
N ALA D 302 28.45 19.45 8.52
CA ALA D 302 27.26 19.56 9.38
C ALA D 302 26.29 20.61 8.86
N ASP D 303 26.15 20.68 7.54
CA ASP D 303 25.30 21.66 6.88
C ASP D 303 24.24 20.94 6.07
N ARG D 304 23.02 21.47 6.11
CA ARG D 304 21.91 20.91 5.36
C ARG D 304 22.09 21.22 3.88
N ALA D 305 22.33 20.18 3.08
CA ALA D 305 22.56 20.34 1.65
C ALA D 305 21.32 20.12 0.80
N GLY D 306 20.20 19.71 1.39
CA GLY D 306 19.00 19.49 0.61
C GLY D 306 17.90 18.91 1.46
N VAL D 307 16.71 18.86 0.87
CA VAL D 307 15.52 18.32 1.52
C VAL D 307 14.74 17.50 0.49
N LEU D 308 14.31 16.31 0.90
CA LEU D 308 13.49 15.44 0.07
C LEU D 308 12.06 15.53 0.59
N ALA D 309 11.26 16.40 -0.01
CA ALA D 309 9.91 16.70 0.45
C ALA D 309 8.91 16.17 -0.58
N GLY D 310 8.45 14.94 -0.38
CA GLY D 310 7.47 14.36 -1.28
C GLY D 310 6.44 13.47 -0.61
N HIS D 311 6.52 13.33 0.71
CA HIS D 311 5.67 12.42 1.44
C HIS D 311 4.69 13.20 2.32
N ASP D 312 3.46 12.70 2.40
CA ASP D 312 2.41 13.32 3.19
C ASP D 312 2.32 12.77 4.61
N ASN D 313 3.14 11.77 4.94
CA ASN D 313 3.15 11.20 6.28
C ASN D 313 4.61 10.98 6.68
N ARG D 314 4.80 10.32 7.82
CA ARG D 314 6.12 10.20 8.43
C ARG D 314 7.03 9.32 7.59
N VAL D 315 8.22 9.83 7.28
CA VAL D 315 9.23 9.05 6.57
C VAL D 315 9.81 8.03 7.55
N SER D 316 9.60 6.75 7.27
CA SER D 316 9.95 5.70 8.22
C SER D 316 11.21 4.94 7.84
N CYS D 317 11.63 4.96 6.58
CA CYS D 317 12.81 4.22 6.17
C CYS D 317 13.39 4.82 4.89
N LEU D 318 14.69 4.63 4.71
CA LEU D 318 15.34 4.98 3.45
C LEU D 318 16.64 4.19 3.36
N GLY D 319 17.20 4.16 2.16
CA GLY D 319 18.43 3.44 1.91
C GLY D 319 19.01 3.72 0.54
N VAL D 320 20.32 3.82 0.46
CA VAL D 320 21.03 4.08 -0.79
C VAL D 320 21.48 2.76 -1.40
N THR D 321 21.38 2.65 -2.72
CA THR D 321 21.83 1.45 -3.41
C THR D 321 23.33 1.29 -3.27
N ASP D 322 23.80 0.07 -3.56
CA ASP D 322 25.22 -0.24 -3.43
C ASP D 322 26.09 0.54 -4.41
N ASP D 323 25.54 0.97 -5.54
CA ASP D 323 26.28 1.77 -6.51
C ASP D 323 26.02 3.27 -6.36
N GLY D 324 25.25 3.67 -5.35
CA GLY D 324 24.98 5.08 -5.14
C GLY D 324 24.07 5.70 -6.18
N MET D 325 23.32 4.88 -6.91
CA MET D 325 22.51 5.40 -8.02
C MET D 325 21.25 6.09 -7.54
N ALA D 326 20.60 5.58 -6.50
CA ALA D 326 19.30 6.10 -6.12
C ALA D 326 19.06 5.90 -4.64
N VAL D 327 18.07 6.64 -4.12
CA VAL D 327 17.61 6.52 -2.75
C VAL D 327 16.13 6.17 -2.76
N ALA D 328 15.76 5.12 -2.05
CA ALA D 328 14.37 4.69 -1.93
C ALA D 328 13.87 5.12 -0.56
N THR D 329 12.87 5.98 -0.55
CA THR D 329 12.29 6.49 0.69
C THR D 329 10.88 5.93 0.85
N GLY D 330 10.68 5.15 1.91
CA GLY D 330 9.36 4.70 2.28
C GLY D 330 8.81 5.52 3.43
N SER D 331 7.49 5.59 3.52
CA SER D 331 6.87 6.45 4.51
C SER D 331 5.50 5.88 4.88
N TRP D 332 4.84 6.58 5.80
CA TRP D 332 3.58 6.13 6.38
C TRP D 332 2.37 6.41 5.50
N ASP D 333 2.56 7.07 4.36
CA ASP D 333 1.48 7.31 3.41
C ASP D 333 1.30 6.18 2.41
N SER D 334 1.89 5.01 2.68
CA SER D 334 1.77 3.82 1.84
C SER D 334 2.37 4.04 0.46
N PHE D 335 3.47 4.79 0.39
CA PHE D 335 4.11 5.08 -0.88
C PHE D 335 5.62 4.96 -0.73
N LEU D 336 6.26 4.40 -1.76
CA LEU D 336 7.70 4.35 -1.86
C LEU D 336 8.14 5.25 -3.02
N LYS D 337 9.17 6.05 -2.79
CA LYS D 337 9.65 7.00 -3.79
C LYS D 337 11.13 6.80 -4.03
N ILE D 338 11.51 6.71 -5.30
CA ILE D 338 12.90 6.55 -5.70
C ILE D 338 13.42 7.91 -6.15
N TRP D 339 14.49 8.38 -5.51
CA TRP D 339 15.05 9.69 -5.76
C TRP D 339 16.44 9.55 -6.36
N ASN D 340 16.80 10.52 -7.20
CA ASN D 340 18.10 10.50 -7.86
C ASN D 340 18.68 11.90 -7.97
N LEU E 5 8.78 -2.79 -25.54
CA LEU E 5 8.75 -3.87 -24.56
C LEU E 5 8.95 -5.22 -25.23
N SER E 6 9.74 -6.08 -24.58
CA SER E 6 10.03 -7.39 -25.13
C SER E 6 8.87 -8.36 -24.87
N ALA E 7 9.01 -9.58 -25.36
CA ALA E 7 8.00 -10.59 -25.15
C ALA E 7 7.89 -11.01 -23.69
N GLU E 8 8.95 -10.85 -22.91
CA GLU E 8 8.92 -11.20 -21.49
C GLU E 8 8.66 -10.02 -20.58
N ASP E 9 9.02 -8.80 -20.97
CA ASP E 9 8.63 -7.64 -20.19
C ASP E 9 7.12 -7.45 -20.17
N LYS E 10 6.45 -7.74 -21.29
CA LYS E 10 4.99 -7.68 -21.31
C LYS E 10 4.38 -8.70 -20.35
N ALA E 11 4.94 -9.90 -20.32
CA ALA E 11 4.44 -10.92 -19.39
C ALA E 11 4.73 -10.53 -17.94
N ALA E 12 5.87 -9.88 -17.70
CA ALA E 12 6.15 -9.37 -16.37
C ALA E 12 5.14 -8.31 -15.95
N VAL E 13 4.77 -7.42 -16.87
CA VAL E 13 3.75 -6.40 -16.58
C VAL E 13 2.41 -7.06 -16.30
N GLU E 14 2.10 -8.13 -17.04
CA GLU E 14 0.85 -8.86 -16.80
C GLU E 14 0.84 -9.49 -15.41
N ARG E 15 1.96 -10.08 -14.99
CA ARG E 15 2.06 -10.64 -13.65
C ARG E 15 1.92 -9.56 -12.59
N SER E 16 2.54 -8.41 -12.82
CA SER E 16 2.44 -7.29 -11.89
C SER E 16 0.99 -6.83 -11.75
N LYS E 17 0.27 -6.77 -12.87
CA LYS E 17 -1.15 -6.39 -12.81
C LYS E 17 -1.98 -7.43 -12.07
N MET E 18 -1.67 -8.71 -12.27
CA MET E 18 -2.40 -9.76 -11.58
C MET E 18 -2.26 -9.63 -10.07
N ILE E 19 -1.03 -9.39 -9.60
CA ILE E 19 -0.86 -9.26 -8.16
C ILE E 19 -1.29 -7.88 -7.64
N ASP E 20 -1.38 -6.87 -8.50
CA ASP E 20 -2.09 -5.65 -8.15
C ASP E 20 -3.56 -5.93 -7.85
N ARG E 21 -4.19 -6.73 -8.70
CA ARG E 21 -5.59 -7.08 -8.48
C ARG E 21 -5.75 -7.88 -7.18
N ASN E 22 -4.83 -8.80 -6.93
CA ASN E 22 -4.88 -9.57 -5.69
C ASN E 22 -4.70 -8.66 -4.47
N LEU E 23 -3.78 -7.70 -4.54
CA LEU E 23 -3.58 -6.75 -3.45
C LEU E 23 -4.84 -5.93 -3.20
N ARG E 24 -5.50 -5.49 -4.28
CA ARG E 24 -6.73 -4.70 -4.11
C ARG E 24 -7.82 -5.52 -3.43
N GLU E 25 -7.99 -6.77 -3.86
CA GLU E 25 -9.02 -7.62 -3.24
C GLU E 25 -8.72 -7.87 -1.77
N ASP E 26 -7.44 -8.14 -1.44
CA ASP E 26 -7.07 -8.37 -0.05
C ASP E 26 -7.27 -7.10 0.78
N GLY E 27 -6.95 -5.94 0.21
CA GLY E 27 -7.15 -4.69 0.93
C GLY E 27 -8.61 -4.40 1.20
N GLU E 28 -9.48 -4.70 0.24
CA GLU E 28 -10.92 -4.51 0.45
C GLU E 28 -11.42 -5.43 1.55
N LYS E 29 -11.00 -6.70 1.52
CA LYS E 29 -11.41 -7.63 2.56
C LYS E 29 -10.90 -7.20 3.93
N ALA E 30 -9.68 -6.66 3.99
CA ALA E 30 -9.15 -6.17 5.26
C ALA E 30 -9.92 -4.94 5.74
N ALA E 31 -10.24 -4.02 4.84
CA ALA E 31 -10.97 -2.82 5.21
C ALA E 31 -12.41 -3.10 5.62
N ARG E 32 -12.96 -4.27 5.26
CA ARG E 32 -14.27 -4.66 5.74
C ARG E 32 -14.25 -5.25 7.15
N GLU E 33 -13.18 -5.02 7.92
CA GLU E 33 -13.02 -5.62 9.23
C GLU E 33 -12.70 -4.54 10.26
N VAL E 34 -13.10 -4.79 11.51
CA VAL E 34 -12.84 -3.88 12.60
C VAL E 34 -11.72 -4.45 13.46
N LYS E 35 -10.89 -3.55 14.00
CA LYS E 35 -9.71 -3.93 14.78
C LYS E 35 -9.84 -3.38 16.19
N LEU E 36 -9.59 -4.23 17.18
CA LEU E 36 -9.71 -3.86 18.58
C LEU E 36 -8.41 -4.16 19.31
N LEU E 37 -7.99 -3.23 20.16
CA LEU E 37 -6.78 -3.36 20.95
C LEU E 37 -7.16 -3.69 22.39
N LEU E 38 -6.72 -4.84 22.87
CA LEU E 38 -7.01 -5.28 24.23
C LEU E 38 -5.87 -4.85 25.15
N LEU E 39 -6.17 -3.97 26.08
CA LEU E 39 -5.20 -3.43 27.03
C LEU E 39 -5.67 -3.70 28.46
N GLY E 40 -4.91 -3.20 29.41
CA GLY E 40 -5.23 -3.33 30.81
C GLY E 40 -4.11 -3.97 31.60
N ALA E 41 -4.31 -3.96 32.92
CA ALA E 41 -3.34 -4.58 33.83
C ALA E 41 -3.45 -6.10 33.76
N GLY E 42 -2.36 -6.76 34.14
CA GLY E 42 -2.32 -8.21 34.08
C GLY E 42 -3.27 -8.88 35.05
N GLU E 43 -3.39 -8.33 36.26
CA GLU E 43 -4.24 -8.95 37.27
C GLU E 43 -5.72 -8.72 37.01
N SER E 44 -6.08 -7.78 36.14
CA SER E 44 -7.49 -7.53 35.84
C SER E 44 -8.13 -8.74 35.16
N GLY E 45 -7.43 -9.34 34.20
CA GLY E 45 -7.92 -10.53 33.54
C GLY E 45 -8.51 -10.23 32.18
N LYS E 46 -7.73 -10.47 31.12
CA LYS E 46 -8.21 -10.29 29.76
C LYS E 46 -8.81 -11.55 29.17
N ASN E 47 -8.67 -12.69 29.85
CA ASN E 47 -9.24 -13.94 29.36
C ASN E 47 -10.70 -14.12 29.73
N THR E 48 -11.23 -13.31 30.64
CA THR E 48 -12.64 -13.41 31.00
C THR E 48 -13.53 -12.95 29.85
N ILE E 49 -13.12 -11.91 29.14
CA ILE E 49 -13.92 -11.40 28.02
C ILE E 49 -13.75 -12.25 26.77
N VAL E 50 -12.69 -13.06 26.69
CA VAL E 50 -12.48 -13.92 25.53
C VAL E 50 -13.19 -15.26 25.70
N LYS E 51 -13.07 -15.87 26.88
CA LYS E 51 -13.72 -17.14 27.14
C LYS E 51 -15.16 -16.94 27.60
N THR E 182 4.50 -15.15 24.58
CA THR E 182 5.36 -14.95 23.42
C THR E 182 4.65 -14.18 22.32
N GLY E 183 5.16 -12.99 22.01
CA GLY E 183 4.56 -12.18 20.97
C GLY E 183 3.23 -11.61 21.41
N ILE E 184 2.41 -11.24 20.43
CA ILE E 184 1.06 -10.76 20.68
C ILE E 184 0.08 -11.76 20.07
N VAL E 185 -1.11 -11.83 20.67
CA VAL E 185 -2.11 -12.84 20.34
C VAL E 185 -3.28 -12.14 19.64
N GLU E 186 -3.67 -12.69 18.48
CA GLU E 186 -4.79 -12.17 17.72
C GLU E 186 -5.92 -13.19 17.77
N THR E 187 -7.10 -12.75 18.23
CA THR E 187 -8.30 -13.57 18.21
C THR E 187 -9.30 -12.95 17.26
N HIS E 188 -9.92 -13.78 16.42
CA HIS E 188 -10.89 -13.35 15.44
C HIS E 188 -12.25 -13.94 15.78
N PHE E 189 -13.28 -13.11 15.76
CA PHE E 189 -14.64 -13.59 15.94
C PHE E 189 -15.58 -12.74 15.10
N THR E 190 -16.74 -13.31 14.79
CA THR E 190 -17.77 -12.65 14.00
C THR E 190 -19.05 -12.57 14.83
N PHE E 191 -19.59 -11.37 14.96
CA PHE E 191 -20.84 -11.15 15.68
C PHE E 191 -21.81 -10.41 14.77
N LYS E 192 -22.82 -11.13 14.30
CA LYS E 192 -23.88 -10.62 13.43
C LYS E 192 -23.31 -9.81 12.26
N ASP E 193 -22.60 -10.56 11.41
CA ASP E 193 -22.09 -10.13 10.11
C ASP E 193 -21.03 -9.06 10.21
N LEU E 194 -20.39 -8.93 11.37
CA LEU E 194 -19.27 -8.01 11.56
C LEU E 194 -18.05 -8.82 11.98
N HIS E 195 -16.93 -8.60 11.30
CA HIS E 195 -15.71 -9.35 11.56
C HIS E 195 -14.82 -8.55 12.49
N PHE E 196 -14.35 -9.20 13.56
CA PHE E 196 -13.59 -8.55 14.62
C PHE E 196 -12.17 -9.09 14.66
N LYS E 197 -11.25 -8.24 15.10
CA LYS E 197 -9.81 -8.54 15.13
C LYS E 197 -9.26 -8.03 16.46
N MET E 198 -9.25 -8.90 17.47
CA MET E 198 -8.69 -8.54 18.76
C MET E 198 -7.17 -8.64 18.72
N PHE E 199 -6.51 -7.82 19.53
CA PHE E 199 -5.05 -7.81 19.60
C PHE E 199 -4.63 -7.67 21.06
N ASP E 200 -4.32 -8.80 21.70
CA ASP E 200 -3.82 -8.79 23.07
C ASP E 200 -2.32 -8.52 23.05
N VAL E 201 -1.89 -7.48 23.75
CA VAL E 201 -0.49 -7.09 23.75
C VAL E 201 0.06 -7.17 25.17
N GLY E 202 -0.54 -8.03 25.99
CA GLY E 202 -0.12 -8.17 27.38
C GLY E 202 1.18 -8.89 27.60
N ALA E 203 1.70 -9.58 26.59
CA ALA E 203 2.96 -10.30 26.70
C ALA E 203 4.15 -9.49 26.22
N GLN E 204 3.94 -8.25 25.81
CA GLN E 204 5.03 -7.37 25.37
C GLN E 204 5.50 -6.56 26.56
N ARG E 205 6.57 -7.02 27.20
CA ARG E 205 7.14 -6.32 28.36
C ARG E 205 8.23 -5.36 27.92
N SER E 206 7.91 -4.46 27.00
CA SER E 206 8.89 -3.52 26.47
C SER E 206 8.37 -2.09 26.56
N GLU E 207 9.12 -1.15 26.00
CA GLU E 207 8.70 0.25 25.99
C GLU E 207 7.51 0.41 25.06
N ARG E 208 6.34 0.74 25.64
CA ARG E 208 5.14 0.90 24.84
C ARG E 208 5.27 2.02 23.83
N LYS E 209 6.05 3.06 24.17
CA LYS E 209 6.18 4.21 23.28
C LYS E 209 6.84 3.86 21.96
N LYS E 210 7.48 2.70 21.87
CA LYS E 210 8.15 2.30 20.65
C LYS E 210 7.30 1.42 19.75
N TRP E 211 6.12 0.99 20.21
CA TRP E 211 5.26 0.17 19.36
C TRP E 211 3.78 0.52 19.49
N ILE E 212 3.43 1.59 20.21
CA ILE E 212 2.03 1.94 20.34
C ILE E 212 1.50 2.66 19.11
N HIS E 213 2.39 3.14 18.24
CA HIS E 213 1.94 3.87 17.05
C HIS E 213 1.42 2.95 15.96
N CYS E 214 1.74 1.66 16.02
CA CYS E 214 1.24 0.72 15.03
C CYS E 214 -0.22 0.37 15.23
N PHE E 215 -0.81 0.80 16.34
CA PHE E 215 -2.25 0.66 16.59
C PHE E 215 -2.98 1.97 16.42
N GLU E 216 -2.48 2.86 15.57
CA GLU E 216 -3.08 4.18 15.41
C GLU E 216 -4.48 4.10 14.78
N GLY E 217 -4.69 3.15 13.87
CA GLY E 217 -5.95 3.08 13.15
C GLY E 217 -6.96 2.11 13.70
N VAL E 218 -6.82 1.72 14.98
CA VAL E 218 -7.76 0.77 15.56
C VAL E 218 -9.12 1.40 15.72
N THR E 219 -10.17 0.58 15.60
CA THR E 219 -11.53 1.08 15.76
C THR E 219 -11.78 1.52 17.19
N ALA E 220 -11.37 0.72 18.16
CA ALA E 220 -11.64 1.01 19.57
C ALA E 220 -10.62 0.27 20.43
N ILE E 221 -10.54 0.69 21.69
CA ILE E 221 -9.68 0.06 22.68
C ILE E 221 -10.58 -0.52 23.77
N ILE E 222 -10.36 -1.78 24.10
CA ILE E 222 -11.07 -2.44 25.20
C ILE E 222 -10.11 -2.47 26.38
N PHE E 223 -10.44 -1.72 27.42
CA PHE E 223 -9.63 -1.59 28.62
C PHE E 223 -10.29 -2.36 29.75
N CYS E 224 -9.55 -3.28 30.35
CA CYS E 224 -10.07 -4.14 31.41
C CYS E 224 -9.48 -3.69 32.74
N VAL E 225 -10.34 -3.37 33.69
CA VAL E 225 -9.94 -2.98 35.04
C VAL E 225 -10.77 -3.79 36.03
N ALA E 226 -10.11 -4.43 36.98
CA ALA E 226 -10.80 -5.22 37.98
C ALA E 226 -11.14 -4.34 39.18
N LEU E 227 -12.42 -4.29 39.54
CA LEU E 227 -12.84 -3.56 40.72
C LEU E 227 -12.44 -4.27 42.01
N SER E 228 -11.96 -5.50 41.93
CA SER E 228 -11.59 -6.25 43.13
C SER E 228 -10.22 -5.88 43.66
N ASP E 229 -9.38 -5.21 42.87
CA ASP E 229 -8.02 -4.92 43.27
C ASP E 229 -7.85 -3.49 43.80
N TYR E 230 -8.85 -2.96 44.49
CA TYR E 230 -8.71 -1.64 45.07
C TYR E 230 -7.91 -1.63 46.37
N ASP E 231 -7.59 -2.80 46.92
CA ASP E 231 -6.81 -2.88 48.14
C ASP E 231 -5.53 -3.70 48.01
N LEU E 232 -5.47 -4.66 47.09
CA LEU E 232 -4.26 -5.46 46.93
C LEU E 232 -3.15 -4.59 46.36
N VAL E 233 -1.93 -4.84 46.85
CA VAL E 233 -0.73 -4.13 46.42
C VAL E 233 0.30 -5.15 46.00
N LEU E 234 0.85 -4.99 44.81
CA LEU E 234 1.88 -5.90 44.32
C LEU E 234 3.18 -5.72 45.10
N MET E 240 2.40 0.26 45.97
CA MET E 240 1.56 0.74 44.88
C MET E 240 0.33 -0.14 44.71
N ASN E 241 -0.84 0.46 44.93
CA ASN E 241 -2.09 -0.25 44.75
C ASN E 241 -2.28 -0.63 43.29
N ARG E 242 -2.87 -1.81 43.06
CA ARG E 242 -3.13 -2.26 41.69
C ARG E 242 -4.13 -1.33 41.00
N MET E 243 -5.09 -0.81 41.75
CA MET E 243 -6.09 0.07 41.18
C MET E 243 -5.48 1.37 40.71
N HIS E 244 -4.51 1.91 41.45
CA HIS E 244 -3.82 3.11 41.01
C HIS E 244 -2.92 2.82 39.81
N ALA E 245 -2.36 1.61 39.72
CA ALA E 245 -1.63 1.24 38.52
C ALA E 245 -2.56 1.23 37.30
N SER E 246 -3.77 0.68 37.47
CA SER E 246 -4.75 0.71 36.39
C SER E 246 -5.15 2.14 36.05
N MET E 247 -5.28 3.00 37.05
CA MET E 247 -5.61 4.40 36.80
C MET E 247 -4.52 5.09 36.00
N LYS E 248 -3.26 4.86 36.36
CA LYS E 248 -2.15 5.45 35.64
C LYS E 248 -2.09 4.95 34.20
N LEU E 249 -2.32 3.65 34.01
CA LEU E 249 -2.30 3.08 32.65
C LEU E 249 -3.45 3.64 31.82
N PHE E 250 -4.64 3.77 32.42
CA PHE E 250 -5.77 4.35 31.71
C PHE E 250 -5.50 5.80 31.34
N ASP E 251 -4.90 6.56 32.25
CA ASP E 251 -4.57 7.95 31.98
C ASP E 251 -3.56 8.06 30.85
N SER E 252 -2.57 7.17 30.83
CA SER E 252 -1.56 7.20 29.77
C SER E 252 -2.16 6.83 28.42
N ILE E 253 -3.01 5.80 28.38
CA ILE E 253 -3.59 5.36 27.12
C ILE E 253 -4.60 6.37 26.60
N CYS E 254 -5.46 6.89 27.48
CA CYS E 254 -6.56 7.75 27.05
C CYS E 254 -6.06 9.04 26.43
N ASN E 255 -5.05 9.67 27.04
CA ASN E 255 -4.48 10.90 26.54
C ASN E 255 -3.26 10.68 25.66
N ASN E 256 -3.13 9.49 25.06
CA ASN E 256 -2.06 9.22 24.13
C ASN E 256 -2.22 10.06 22.88
N LYS E 257 -1.09 10.48 22.31
CA LYS E 257 -1.13 11.32 21.12
C LYS E 257 -1.57 10.55 19.88
N TRP E 258 -1.65 9.22 19.95
CA TRP E 258 -2.11 8.40 18.85
C TRP E 258 -3.58 8.00 18.97
N PHE E 259 -4.17 8.18 20.15
CA PHE E 259 -5.54 7.77 20.38
C PHE E 259 -6.40 8.95 20.81
N THR E 260 -6.27 10.07 20.11
CA THR E 260 -7.02 11.27 20.49
C THR E 260 -8.51 11.09 20.25
N ASP E 261 -8.89 10.56 19.09
CA ASP E 261 -10.28 10.35 18.74
C ASP E 261 -10.66 8.87 18.75
N THR E 262 -9.89 8.04 19.45
CA THR E 262 -10.13 6.60 19.49
C THR E 262 -10.96 6.28 20.72
N SER E 263 -12.12 5.65 20.50
CA SER E 263 -13.01 5.33 21.59
C SER E 263 -12.43 4.23 22.46
N ILE E 264 -12.85 4.23 23.73
CA ILE E 264 -12.40 3.25 24.71
C ILE E 264 -13.63 2.54 25.26
N ILE E 265 -13.56 1.21 25.31
CA ILE E 265 -14.62 0.39 25.88
C ILE E 265 -14.11 -0.10 27.22
N LEU E 266 -14.45 0.64 28.28
CA LEU E 266 -14.00 0.30 29.62
C LEU E 266 -14.79 -0.89 30.14
N PHE E 267 -14.06 -1.90 30.62
CA PHE E 267 -14.66 -3.09 31.21
C PHE E 267 -14.26 -3.15 32.68
N LEU E 268 -15.25 -3.19 33.56
CA LEU E 268 -15.03 -3.27 34.99
C LEU E 268 -15.35 -4.69 35.42
N ASN E 269 -14.31 -5.46 35.74
CA ASN E 269 -14.44 -6.88 35.98
C ASN E 269 -14.52 -7.18 37.46
N LYS E 270 -14.64 -8.48 37.77
CA LYS E 270 -14.68 -8.99 39.15
C LYS E 270 -15.78 -8.32 39.97
N LYS E 271 -16.99 -8.30 39.42
CA LYS E 271 -18.12 -7.66 40.09
C LYS E 271 -18.53 -8.43 41.34
N ASP E 272 -18.58 -9.76 41.26
CA ASP E 272 -19.02 -10.57 42.39
C ASP E 272 -18.03 -10.48 43.56
N LEU E 273 -16.74 -10.59 43.27
CA LEU E 273 -15.73 -10.51 44.31
C LEU E 273 -15.71 -9.12 44.95
N PHE E 274 -15.83 -8.08 44.13
CA PHE E 274 -15.88 -6.72 44.66
C PHE E 274 -17.11 -6.51 45.53
N GLU E 275 -18.26 -7.04 45.11
CA GLU E 275 -19.47 -6.92 45.90
C GLU E 275 -19.35 -7.64 47.23
N GLU E 276 -18.76 -8.84 47.22
CA GLU E 276 -18.57 -9.58 48.47
C GLU E 276 -17.48 -8.99 49.33
N LYS E 277 -16.56 -8.21 48.76
CA LYS E 277 -15.44 -7.65 49.50
C LYS E 277 -15.74 -6.28 50.10
N ILE E 278 -16.57 -5.47 49.44
CA ILE E 278 -16.88 -4.14 49.93
C ILE E 278 -17.65 -4.18 51.25
N LYS E 279 -18.24 -5.32 51.60
CA LYS E 279 -18.93 -5.45 52.89
C LYS E 279 -17.97 -5.55 54.06
N LYS E 280 -16.68 -5.80 53.82
CA LYS E 280 -15.69 -5.89 54.88
C LYS E 280 -14.66 -4.77 54.78
N SER E 281 -13.98 -4.64 53.66
CA SER E 281 -13.02 -3.56 53.45
C SER E 281 -13.67 -2.48 52.61
N PRO E 282 -13.73 -1.23 53.08
CA PRO E 282 -14.39 -0.19 52.29
C PRO E 282 -13.47 0.46 51.28
N LEU E 283 -13.95 1.50 50.59
CA LEU E 283 -13.15 2.20 49.61
C LEU E 283 -12.13 3.14 50.24
N THR E 284 -11.94 3.08 51.56
CA THR E 284 -11.05 4.00 52.23
C THR E 284 -9.59 3.74 51.86
N ILE E 285 -9.20 2.47 51.73
CA ILE E 285 -7.81 2.16 51.39
C ILE E 285 -7.47 2.67 49.99
N CYS E 286 -8.37 2.44 49.04
CA CYS E 286 -8.13 2.93 47.68
C CYS E 286 -8.27 4.45 47.63
N TYR E 287 -9.35 4.98 48.19
CA TYR E 287 -9.62 6.41 48.13
C TYR E 287 -9.66 7.00 49.52
N PRO E 288 -8.63 7.74 49.96
CA PRO E 288 -8.73 8.46 51.24
C PRO E 288 -9.75 9.58 51.23
N GLU E 289 -10.16 10.04 50.05
CA GLU E 289 -11.09 11.17 49.91
C GLU E 289 -12.46 10.73 49.40
N TYR E 290 -12.82 9.47 49.62
CA TYR E 290 -14.10 8.97 49.12
C TYR E 290 -15.28 9.70 49.77
N ALA E 291 -15.42 9.55 51.09
CA ALA E 291 -16.51 10.14 51.86
C ALA E 291 -17.87 9.75 51.27
N GLY E 292 -18.13 8.44 51.28
CA GLY E 292 -19.38 7.92 50.78
C GLY E 292 -19.90 6.77 51.63
N SER E 293 -20.83 5.99 51.09
CA SER E 293 -21.40 4.87 51.81
C SER E 293 -20.60 3.60 51.52
N ASN E 294 -21.14 2.44 51.93
CA ASN E 294 -20.49 1.15 51.72
C ASN E 294 -21.51 0.19 51.10
N THR E 295 -21.64 0.24 49.78
CA THR E 295 -22.51 -0.67 49.06
C THR E 295 -21.95 -0.86 47.66
N TYR E 296 -22.40 -1.93 47.00
CA TYR E 296 -21.86 -2.28 45.70
C TYR E 296 -22.17 -1.21 44.66
N GLU E 297 -23.42 -0.73 44.63
CA GLU E 297 -23.84 0.20 43.59
C GLU E 297 -23.10 1.54 43.68
N GLU E 298 -23.10 2.14 44.87
CA GLU E 298 -22.50 3.46 45.03
C GLU E 298 -20.99 3.42 44.79
N ALA E 299 -20.31 2.40 45.34
CA ALA E 299 -18.87 2.29 45.16
C ALA E 299 -18.51 2.02 43.70
N ALA E 300 -19.26 1.15 43.04
CA ALA E 300 -19.02 0.88 41.62
C ALA E 300 -19.22 2.13 40.77
N ALA E 301 -20.30 2.87 41.05
CA ALA E 301 -20.55 4.10 40.32
C ALA E 301 -19.45 5.12 40.57
N TYR E 302 -18.95 5.18 41.81
CA TYR E 302 -17.87 6.12 42.13
C TYR E 302 -16.59 5.78 41.38
N ILE E 303 -16.24 4.50 41.33
CA ILE E 303 -15.04 4.08 40.61
C ILE E 303 -15.17 4.41 39.13
N GLN E 304 -16.33 4.09 38.55
CA GLN E 304 -16.56 4.38 37.14
C GLN E 304 -16.50 5.88 36.86
N CYS E 305 -17.08 6.68 37.76
CA CYS E 305 -17.07 8.14 37.59
C CYS E 305 -15.64 8.67 37.62
N GLN E 306 -14.82 8.17 38.54
CA GLN E 306 -13.44 8.64 38.59
C GLN E 306 -12.67 8.22 37.33
N PHE E 307 -12.92 7.01 36.84
CA PHE E 307 -12.20 6.55 35.65
C PHE E 307 -12.57 7.37 34.42
N GLU E 308 -13.85 7.72 34.25
CA GLU E 308 -14.17 8.64 33.15
C GLU E 308 -13.74 10.07 33.45
N ASP E 309 -13.56 10.44 34.72
CA ASP E 309 -13.02 11.75 35.03
C ASP E 309 -11.55 11.85 34.66
N LEU E 310 -10.85 10.72 34.57
CA LEU E 310 -9.49 10.73 34.05
C LEU E 310 -9.42 11.18 32.59
N ASN E 311 -10.52 11.09 31.86
CA ASN E 311 -10.53 11.45 30.44
C ASN E 311 -10.40 12.97 30.28
N LYS E 312 -9.52 13.38 29.38
CA LYS E 312 -9.37 14.77 29.00
C LYS E 312 -9.78 14.95 27.55
N ARG E 313 -10.25 16.16 27.23
CA ARG E 313 -10.80 16.49 25.91
C ARG E 313 -11.96 15.54 25.56
N LYS E 314 -13.02 15.63 26.35
CA LYS E 314 -14.19 14.80 26.14
C LYS E 314 -15.14 15.41 25.11
N ASP E 315 -14.62 15.73 23.93
CA ASP E 315 -15.42 16.28 22.85
C ASP E 315 -15.47 15.34 21.65
N THR E 316 -14.34 14.78 21.24
CA THR E 316 -14.27 13.86 20.12
C THR E 316 -14.04 12.42 20.56
N LYS E 317 -14.05 12.14 21.86
CA LYS E 317 -13.78 10.81 22.39
C LYS E 317 -14.93 10.39 23.30
N GLU E 318 -15.31 9.12 23.21
CA GLU E 318 -16.35 8.55 24.05
C GLU E 318 -15.80 7.36 24.81
N ILE E 319 -16.09 7.32 26.11
CA ILE E 319 -15.70 6.21 26.98
C ILE E 319 -16.96 5.43 27.31
N TYR E 320 -16.99 4.17 26.90
CA TYR E 320 -18.11 3.28 27.15
C TYR E 320 -17.73 2.37 28.33
N THR E 321 -18.54 2.38 29.37
CA THR E 321 -18.24 1.63 30.59
C THR E 321 -19.27 0.53 30.79
N HIS E 322 -18.80 -0.70 30.95
CA HIS E 322 -19.66 -1.84 31.14
C HIS E 322 -19.15 -2.69 32.29
N PHE E 323 -20.07 -3.27 33.03
CA PHE E 323 -19.77 -4.20 34.11
C PHE E 323 -19.89 -5.62 33.57
N THR E 324 -18.81 -6.39 33.68
CA THR E 324 -18.74 -7.67 33.00
C THR E 324 -19.74 -8.66 33.60
N CYS E 325 -20.53 -9.27 32.74
CA CYS E 325 -21.57 -10.22 33.15
C CYS E 325 -21.04 -11.64 33.04
N SER E 326 -21.23 -12.42 34.10
CA SER E 326 -20.71 -13.78 34.13
C SER E 326 -21.58 -14.73 33.31
N THR E 327 -22.84 -14.88 33.71
CA THR E 327 -23.75 -15.81 33.04
C THR E 327 -24.57 -15.12 31.96
N ASP E 328 -23.90 -14.39 31.07
CA ASP E 328 -24.58 -13.69 29.99
C ASP E 328 -23.59 -13.39 28.88
N THR E 329 -24.12 -13.18 27.68
CA THR E 329 -23.32 -12.85 26.50
C THR E 329 -23.58 -11.41 26.05
N LYS E 330 -23.72 -10.50 27.00
CA LYS E 330 -23.98 -9.11 26.69
C LYS E 330 -22.70 -8.31 26.43
N ASN E 331 -21.53 -8.86 26.74
CA ASN E 331 -20.28 -8.14 26.48
C ASN E 331 -20.04 -7.95 25.00
N VAL E 332 -20.29 -9.00 24.21
CA VAL E 332 -20.12 -8.90 22.77
C VAL E 332 -21.14 -7.91 22.19
N GLN E 333 -22.36 -7.90 22.74
CA GLN E 333 -23.36 -6.94 22.30
C GLN E 333 -22.92 -5.52 22.60
N PHE E 334 -22.36 -5.28 23.78
CA PHE E 334 -21.91 -3.94 24.13
C PHE E 334 -20.78 -3.48 23.23
N VAL E 335 -19.82 -4.36 22.95
CA VAL E 335 -18.74 -4.01 22.01
C VAL E 335 -19.32 -3.77 20.62
N PHE E 336 -20.35 -4.53 20.24
CA PHE E 336 -20.99 -4.34 18.93
C PHE E 336 -21.63 -2.96 18.83
N ASP E 337 -22.33 -2.52 19.87
CA ASP E 337 -22.91 -1.19 19.84
C ASP E 337 -21.85 -0.10 19.81
N ALA E 338 -20.77 -0.27 20.59
CA ALA E 338 -19.70 0.72 20.57
C ALA E 338 -19.07 0.83 19.18
N VAL E 339 -18.77 -0.31 18.56
CA VAL E 339 -18.15 -0.26 17.24
C VAL E 339 -19.13 0.24 16.20
N THR E 340 -20.43 -0.03 16.38
CA THR E 340 -21.43 0.50 15.45
C THR E 340 -21.48 2.02 15.52
N ASP E 341 -21.40 2.58 16.73
CA ASP E 341 -21.33 4.04 16.85
C ASP E 341 -20.07 4.59 16.21
N VAL E 342 -18.94 3.88 16.36
CA VAL E 342 -17.71 4.35 15.73
C VAL E 342 -17.82 4.31 14.21
N ILE E 343 -18.42 3.26 13.65
CA ILE E 343 -18.63 3.18 12.21
C ILE E 343 -19.53 4.31 11.73
N ILE E 344 -20.57 4.63 12.50
CA ILE E 344 -21.46 5.73 12.12
C ILE E 344 -20.70 7.05 12.12
N LYS E 345 -19.87 7.27 13.13
CA LYS E 345 -19.05 8.49 13.16
C LYS E 345 -18.10 8.54 11.97
N ASN E 346 -17.47 7.42 11.64
CA ASN E 346 -16.54 7.41 10.52
C ASN E 346 -17.25 7.62 9.19
N ASN E 347 -18.48 7.12 9.07
CA ASN E 347 -19.25 7.33 7.85
C ASN E 347 -19.71 8.78 7.72
N LEU E 348 -20.07 9.40 8.85
CA LEU E 348 -20.39 10.84 8.83
C LEU E 348 -19.17 11.66 8.43
N LYS E 349 -18.00 11.32 8.97
CA LYS E 349 -16.78 12.05 8.62
C LYS E 349 -16.41 11.84 7.16
N ASP E 350 -16.58 10.61 6.66
CA ASP E 350 -16.28 10.33 5.25
C ASP E 350 -17.25 11.04 4.33
N CYS E 351 -18.55 11.01 4.66
CA CYS E 351 -19.55 11.74 3.88
C CYS E 351 -19.43 13.25 4.02
N GLY E 352 -18.62 13.72 4.97
CA GLY E 352 -18.30 15.12 5.08
C GLY E 352 -19.43 16.04 5.50
N LEU E 353 -20.25 15.62 6.47
CA LEU E 353 -21.24 16.51 7.04
C LEU E 353 -21.12 16.63 8.55
N PHE E 354 -20.09 16.05 9.15
CA PHE E 354 -19.89 16.10 10.59
C PHE E 354 -19.69 17.53 11.10
#